data_3BYZ
#
_entry.id   3BYZ
#
_cell.length_a   49.036
_cell.length_b   138.480
_cell.length_c   155.022
_cell.angle_alpha   90.00
_cell.angle_beta   90.00
_cell.angle_gamma   90.00
#
_symmetry.space_group_name_H-M   'P 21 21 21'
#
loop_
_entity.id
_entity.type
_entity.pdbx_description
1 polymer 'Corticosteroid 11-beta-dehydrogenase isozyme 1'
2 non-polymer 'NADPH DIHYDRO-NICOTINAMIDE-ADENINE-DINUCLEOTIDE PHOSPHATE'
3 non-polymer (5S)-2-(cyclooctylamino)-5-methyl-5-propyl-1,3-thiazol-4(5H)-one
#
_entity_poly.entity_id   1
_entity_poly.type   'polypeptide(L)'
_entity_poly.pdbx_seq_one_letter_code
;MHHHHHHEEFRPEMLQGKKVIVTGASKGIGREMAYHLAKMGAHVVVTARSKETLQKVVSHCLELGAASAHYIAGTMEDMT
FAEQFVAQAGKLMGGLDMLILNHITNTSLNLFHDDIHHVRKSMEVNFLSYVVLTVAALPMLKQSNGSIVVVSSLAGKVAY
PMVAAYSASKFALDGFFSSIRKEYSVSRVNVSITLCVLGLIDTETAMKAVSGIVHMQAAPKEECALEIIKGGALRQEEVY
YDSSLWTTLLIRNPSRKILEFLYSTSYNMDRFINK
;
_entity_poly.pdbx_strand_id   A,B,C,D
#
# COMPACT_ATOMS: atom_id res chain seq x y z
N GLU A 8 28.45 22.79 13.15
CA GLU A 8 27.54 22.24 12.10
C GLU A 8 27.93 22.67 10.67
N GLU A 9 29.14 22.30 10.26
CA GLU A 9 29.66 22.66 8.92
C GLU A 9 29.76 21.42 8.01
N PHE A 10 29.90 21.64 6.70
CA PHE A 10 30.03 20.53 5.75
C PHE A 10 31.44 20.02 5.55
N ARG A 11 31.61 18.74 5.84
CA ARG A 11 32.93 18.09 5.78
C ARG A 11 32.90 16.83 4.88
N PRO A 12 33.75 16.80 3.83
CA PRO A 12 33.76 15.66 2.92
C PRO A 12 33.83 14.38 3.69
N GLU A 13 34.31 14.50 4.92
CA GLU A 13 34.43 13.42 5.89
C GLU A 13 33.07 12.78 6.19
N MET A 14 32.01 13.56 6.03
CA MET A 14 30.65 13.14 6.42
C MET A 14 30.14 11.90 5.68
N LEU A 15 30.62 11.70 4.44
CA LEU A 15 30.08 10.67 3.54
C LEU A 15 31.01 9.51 3.22
N GLN A 16 31.44 8.78 4.24
CA GLN A 16 32.49 7.81 4.07
C GLN A 16 32.00 6.39 4.34
N GLY A 17 31.38 6.16 5.49
CA GLY A 17 30.78 4.85 5.71
C GLY A 17 29.61 4.56 4.76
N LYS A 18 29.16 5.59 4.07
CA LYS A 18 27.76 5.72 3.61
C LYS A 18 27.37 5.00 2.30
N LYS A 19 26.36 4.17 2.40
CA LYS A 19 25.94 3.45 1.24
C LYS A 19 24.97 4.38 0.53
N VAL A 20 25.42 4.93 -0.60
CA VAL A 20 24.61 5.86 -1.38
C VAL A 20 24.23 5.36 -2.78
N ILE A 21 22.93 5.11 -2.96
CA ILE A 21 22.34 4.98 -4.28
C ILE A 21 22.29 6.35 -5.01
N VAL A 22 22.74 6.41 -6.26
CA VAL A 22 22.45 7.53 -7.18
C VAL A 22 21.66 7.03 -8.42
N THR A 23 20.61 7.71 -8.82
CA THR A 23 19.91 7.24 -9.98
C THR A 23 20.14 8.18 -11.14
N GLY A 24 19.99 7.71 -12.38
CA GLY A 24 20.25 8.61 -13.51
C GLY A 24 21.68 9.12 -13.46
N ALA A 25 22.58 8.20 -13.15
CA ALA A 25 23.96 8.56 -12.91
C ALA A 25 24.86 8.35 -14.13
N SER A 26 24.30 7.84 -15.22
CA SER A 26 25.10 7.56 -16.37
C SER A 26 25.43 8.82 -17.14
N LYS A 27 25.04 10.00 -16.66
CA LYS A 27 25.44 11.25 -17.37
C LYS A 27 25.08 12.48 -16.55
N GLY A 28 25.32 13.69 -17.07
CA GLY A 28 24.92 14.95 -16.44
C GLY A 28 25.23 15.12 -14.95
N ILE A 29 24.35 15.78 -14.23
CA ILE A 29 24.49 15.91 -12.78
C ILE A 29 24.73 14.57 -12.06
N GLY A 30 23.94 13.55 -12.42
CA GLY A 30 23.98 12.25 -11.72
C GLY A 30 25.38 11.63 -11.71
N ARG A 31 26.03 11.69 -12.89
CA ARG A 31 27.37 11.21 -13.00
C ARG A 31 28.26 11.96 -11.99
N GLU A 32 28.28 13.28 -12.10
CA GLU A 32 29.14 14.05 -11.22
C GLU A 32 28.94 13.80 -9.73
N MET A 33 27.68 13.74 -9.34
CA MET A 33 27.29 13.36 -8.00
C MET A 33 28.01 12.05 -7.52
N ALA A 34 28.04 11.02 -8.38
CA ALA A 34 28.72 9.75 -8.07
C ALA A 34 30.25 9.89 -8.13
N TYR A 35 30.75 10.80 -8.98
CA TYR A 35 32.16 11.10 -8.88
C TYR A 35 32.42 11.68 -7.51
N HIS A 36 31.84 12.83 -7.17
CA HIS A 36 32.12 13.41 -5.85
C HIS A 36 32.01 12.40 -4.71
N LEU A 37 30.96 11.60 -4.72
CA LEU A 37 30.69 10.66 -3.63
C LEU A 37 31.84 9.70 -3.42
N ALA A 38 32.34 9.17 -4.53
CA ALA A 38 33.48 8.25 -4.57
C ALA A 38 34.75 8.93 -4.07
N LYS A 39 34.99 10.16 -4.50
CA LYS A 39 36.07 10.99 -3.96
C LYS A 39 36.01 11.17 -2.44
N MET A 40 34.90 10.79 -1.83
CA MET A 40 34.73 10.94 -0.38
C MET A 40 34.71 9.58 0.30
N GLY A 41 34.76 8.56 -0.54
CA GLY A 41 35.04 7.24 -0.09
C GLY A 41 33.76 6.63 0.38
N ALA A 42 32.76 6.71 -0.46
CA ALA A 42 31.54 5.98 -0.14
C ALA A 42 31.33 4.78 -1.05
N HIS A 43 30.67 3.78 -0.51
CA HIS A 43 30.06 2.76 -1.31
C HIS A 43 28.98 3.46 -2.15
N VAL A 44 28.89 3.14 -3.44
CA VAL A 44 27.96 3.75 -4.36
C VAL A 44 27.40 2.74 -5.33
N VAL A 45 26.07 2.65 -5.43
CA VAL A 45 25.45 1.92 -6.55
C VAL A 45 24.78 2.94 -7.47
N VAL A 46 24.91 2.77 -8.78
CA VAL A 46 24.26 3.68 -9.71
C VAL A 46 23.39 2.90 -10.67
N THR A 47 22.28 3.50 -11.07
CA THR A 47 21.45 2.90 -12.09
C THR A 47 21.35 3.90 -13.20
N ALA A 48 20.76 3.44 -14.32
CA ALA A 48 20.36 4.21 -15.52
C ALA A 48 19.99 3.15 -16.53
N ARG A 49 19.22 3.48 -17.56
CA ARG A 49 18.95 2.47 -18.60
C ARG A 49 20.29 1.95 -19.20
N SER A 50 21.05 2.80 -19.91
CA SER A 50 22.20 2.34 -20.72
C SER A 50 23.35 1.73 -19.92
N LYS A 51 23.92 0.65 -20.46
CA LYS A 51 24.73 -0.30 -19.70
C LYS A 51 26.24 -0.06 -19.64
N GLU A 52 26.89 0.16 -20.78
CA GLU A 52 28.34 0.38 -20.80
C GLU A 52 28.81 1.77 -20.38
N THR A 53 27.95 2.78 -20.59
CA THR A 53 28.15 4.13 -20.05
C THR A 53 28.21 4.03 -18.53
N LEU A 54 27.36 3.18 -17.96
CA LEU A 54 27.43 2.87 -16.51
C LEU A 54 28.70 2.10 -16.12
N GLN A 55 29.19 1.23 -17.00
CA GLN A 55 30.39 0.48 -16.70
C GLN A 55 31.51 1.51 -16.60
N LYS A 56 31.48 2.43 -17.55
CA LYS A 56 32.49 3.45 -17.70
C LYS A 56 32.40 4.46 -16.53
N VAL A 57 31.41 4.29 -15.65
CA VAL A 57 31.24 5.18 -14.49
C VAL A 57 31.65 4.50 -13.19
N VAL A 58 31.17 3.26 -13.02
CA VAL A 58 31.60 2.39 -11.95
C VAL A 58 33.11 2.38 -11.95
N SER A 59 33.68 2.25 -13.14
CA SER A 59 35.12 2.05 -13.27
C SER A 59 35.87 3.32 -12.90
N HIS A 60 35.51 4.45 -13.52
CA HIS A 60 36.07 5.75 -13.14
C HIS A 60 35.92 6.05 -11.64
N CYS A 61 34.88 5.45 -11.03
CA CYS A 61 34.55 5.69 -9.62
C CYS A 61 35.55 5.13 -8.61
N LEU A 62 36.24 4.06 -8.98
CA LEU A 62 37.34 3.55 -8.15
C LEU A 62 38.60 4.44 -8.24
N GLU A 63 39.01 4.82 -9.46
CA GLU A 63 40.16 5.71 -9.70
C GLU A 63 40.19 6.93 -8.75
N LEU A 64 39.03 7.24 -8.14
CA LEU A 64 38.85 8.45 -7.35
C LEU A 64 38.81 8.09 -5.88
N GLY A 65 38.49 6.84 -5.61
CA GLY A 65 38.66 6.31 -4.28
C GLY A 65 37.36 6.06 -3.58
N ALA A 66 36.51 5.23 -4.18
CA ALA A 66 35.27 4.81 -3.56
C ALA A 66 35.50 3.98 -2.31
N ALA A 67 34.71 2.93 -2.21
CA ALA A 67 34.78 1.98 -1.14
C ALA A 67 34.23 0.75 -1.83
N SER A 68 33.26 0.99 -2.72
CA SER A 68 32.47 -0.04 -3.38
C SER A 68 31.71 0.63 -4.52
N ALA A 69 31.83 0.11 -5.72
CA ALA A 69 31.07 0.67 -6.81
C ALA A 69 30.46 -0.44 -7.65
N HIS A 70 29.14 -0.38 -7.83
CA HIS A 70 28.45 -1.25 -8.75
C HIS A 70 27.53 -0.39 -9.59
N TYR A 71 26.71 -1.06 -10.41
CA TYR A 71 25.67 -0.42 -11.19
C TYR A 71 24.54 -1.41 -11.45
N ILE A 72 23.34 -0.90 -11.73
CA ILE A 72 22.26 -1.78 -12.17
C ILE A 72 21.44 -1.14 -13.27
N ALA A 73 21.50 -1.70 -14.47
CA ALA A 73 20.75 -1.16 -15.61
C ALA A 73 19.31 -1.65 -15.65
N GLY A 74 18.42 -0.73 -16.02
CA GLY A 74 16.97 -0.96 -16.07
C GLY A 74 16.31 0.39 -16.29
N THR A 75 15.08 0.41 -16.78
CA THR A 75 14.38 1.64 -16.98
C THR A 75 13.41 1.86 -15.84
N MET A 76 13.60 2.97 -15.12
CA MET A 76 12.63 3.36 -14.13
C MET A 76 11.21 3.57 -14.70
N GLU A 77 11.00 3.25 -15.99
CA GLU A 77 9.59 3.12 -16.52
C GLU A 77 8.87 1.91 -15.89
N ASP A 78 9.66 0.91 -15.50
CA ASP A 78 9.13 -0.29 -14.88
C ASP A 78 9.24 -0.24 -13.35
N MET A 79 8.08 -0.05 -12.73
CA MET A 79 7.95 -0.10 -11.26
C MET A 79 8.61 -1.28 -10.60
N THR A 80 8.51 -2.48 -11.20
CA THR A 80 9.19 -3.68 -10.66
C THR A 80 10.69 -3.47 -10.57
N PHE A 81 11.33 -3.13 -11.70
CA PHE A 81 12.75 -2.80 -11.68
C PHE A 81 13.07 -1.88 -10.52
N ALA A 82 12.31 -0.79 -10.41
CA ALA A 82 12.43 0.14 -9.29
C ALA A 82 12.28 -0.54 -7.92
N GLU A 83 11.17 -1.23 -7.67
CA GLU A 83 11.03 -2.04 -6.45
C GLU A 83 12.34 -2.80 -6.17
N GLN A 84 12.76 -3.58 -7.16
CA GLN A 84 13.85 -4.51 -7.03
C GLN A 84 15.20 -3.87 -7.05
N PHE A 85 15.41 -2.90 -7.95
CA PHE A 85 16.71 -2.29 -8.03
C PHE A 85 17.15 -1.90 -6.60
N VAL A 86 16.26 -1.32 -5.83
CA VAL A 86 16.64 -0.85 -4.52
C VAL A 86 17.00 -2.04 -3.65
N ALA A 87 16.12 -3.04 -3.68
CA ALA A 87 16.30 -4.29 -2.95
C ALA A 87 17.65 -4.90 -3.30
N GLN A 88 17.89 -5.09 -4.59
CA GLN A 88 19.10 -5.78 -4.99
C GLN A 88 20.25 -4.80 -5.16
N ALA A 89 20.47 -4.03 -4.11
CA ALA A 89 21.41 -2.91 -4.15
C ALA A 89 21.78 -2.50 -2.74
N GLY A 90 20.87 -2.75 -1.81
CA GLY A 90 21.10 -2.64 -0.38
C GLY A 90 21.70 -3.97 0.05
N LYS A 91 21.15 -5.03 -0.56
CA LYS A 91 21.81 -6.35 -0.57
C LYS A 91 23.29 -6.30 -1.06
N LEU A 92 23.67 -5.32 -1.86
CA LEU A 92 25.03 -5.23 -2.37
C LEU A 92 25.91 -4.41 -1.46
N MET A 93 25.30 -3.53 -0.67
CA MET A 93 26.09 -2.65 0.20
C MET A 93 25.93 -2.96 1.68
N GLY A 94 24.91 -3.78 2.00
CA GLY A 94 24.63 -4.17 3.41
C GLY A 94 23.38 -3.51 3.96
N GLY A 95 23.37 -2.18 3.87
CA GLY A 95 22.15 -1.36 3.98
C GLY A 95 22.06 -0.26 2.90
N LEU A 96 21.02 0.57 3.03
CA LEU A 96 20.99 1.87 2.38
C LEU A 96 21.12 2.98 3.41
N ASP A 97 21.89 3.98 3.07
CA ASP A 97 22.08 5.08 3.98
C ASP A 97 21.57 6.41 3.38
N MET A 98 21.88 6.65 2.12
CA MET A 98 21.29 7.77 1.41
C MET A 98 20.73 7.34 0.04
N LEU A 99 19.56 7.88 -0.30
CA LEU A 99 18.95 7.68 -1.61
C LEU A 99 18.94 9.04 -2.33
N ILE A 100 19.69 9.14 -3.45
CA ILE A 100 19.63 10.28 -4.35
C ILE A 100 18.83 9.94 -5.62
N LEU A 101 17.69 10.61 -5.77
CA LEU A 101 16.74 10.37 -6.83
C LEU A 101 16.79 11.49 -7.88
N ASN A 102 17.31 11.28 -9.08
CA ASN A 102 17.34 12.38 -10.04
C ASN A 102 17.19 12.06 -11.53
N HIS A 103 16.83 10.83 -11.84
CA HIS A 103 16.70 10.47 -13.20
C HIS A 103 15.44 11.15 -13.77
N ILE A 104 15.44 11.48 -15.06
CA ILE A 104 14.24 11.98 -15.71
C ILE A 104 14.12 11.41 -17.11
N THR A 105 12.90 11.29 -17.57
CA THR A 105 12.65 10.73 -18.88
C THR A 105 12.99 11.87 -19.82
N ASN A 106 13.54 11.53 -20.98
CA ASN A 106 13.96 12.57 -21.91
C ASN A 106 12.80 13.47 -22.17
N THR A 107 13.02 14.74 -21.91
CA THR A 107 12.07 15.72 -22.31
C THR A 107 12.79 16.71 -23.25
N SER A 108 12.24 16.95 -24.44
CA SER A 108 12.70 18.11 -25.15
C SER A 108 11.93 19.34 -24.62
N LEU A 109 11.77 20.36 -25.46
CA LEU A 109 11.11 21.59 -25.10
C LEU A 109 10.20 21.94 -26.25
N ASN A 110 8.92 21.69 -26.11
CA ASN A 110 7.96 22.00 -27.14
C ASN A 110 6.69 22.43 -26.47
N LEU A 111 5.83 23.12 -27.21
CA LEU A 111 4.53 23.51 -26.73
C LEU A 111 3.79 22.25 -26.54
N PHE A 112 2.86 22.21 -25.58
CA PHE A 112 2.08 20.99 -25.39
C PHE A 112 0.90 20.93 -26.38
N HIS A 113 0.78 19.84 -27.14
CA HIS A 113 -0.39 19.70 -28.02
C HIS A 113 -1.30 18.53 -27.56
N ASP A 114 -0.97 17.30 -27.90
CA ASP A 114 -1.81 16.21 -27.49
C ASP A 114 -1.01 15.05 -27.02
N ASP A 115 0.23 15.30 -26.59
CA ASP A 115 1.11 14.23 -26.19
C ASP A 115 0.81 13.66 -24.78
N ILE A 116 -0.38 13.12 -24.53
CA ILE A 116 -0.60 12.50 -23.22
C ILE A 116 0.49 11.47 -22.91
N HIS A 117 0.95 10.74 -23.93
CA HIS A 117 2.01 9.74 -23.79
C HIS A 117 3.15 10.34 -23.00
N HIS A 118 3.59 11.49 -23.48
CA HIS A 118 4.71 12.17 -22.91
C HIS A 118 4.40 12.62 -21.47
N VAL A 119 3.18 13.17 -21.26
CA VAL A 119 2.71 13.46 -19.92
C VAL A 119 2.80 12.23 -18.99
N ARG A 120 2.13 11.13 -19.35
CA ARG A 120 2.18 9.94 -18.55
C ARG A 120 3.63 9.47 -18.25
N LYS A 121 4.46 9.33 -19.28
CA LYS A 121 5.82 8.85 -19.13
C LYS A 121 6.53 9.76 -18.13
N SER A 122 6.36 11.07 -18.34
CA SER A 122 6.82 12.08 -17.42
C SER A 122 6.37 11.85 -15.98
N MET A 123 5.07 11.64 -15.72
CA MET A 123 4.68 11.29 -14.35
C MET A 123 5.20 9.96 -13.85
N GLU A 124 5.21 8.95 -14.72
CA GLU A 124 5.65 7.63 -14.32
C GLU A 124 7.16 7.67 -13.98
N VAL A 125 7.97 7.95 -14.97
CA VAL A 125 9.36 8.05 -14.74
C VAL A 125 9.75 9.19 -13.76
N ASN A 126 9.25 10.42 -13.96
CA ASN A 126 9.81 11.57 -13.20
C ASN A 126 9.28 11.68 -11.77
N PHE A 127 8.16 11.06 -11.49
CA PHE A 127 7.59 11.16 -10.15
C PHE A 127 7.31 9.79 -9.45
N LEU A 128 6.50 8.95 -10.12
CA LEU A 128 6.14 7.68 -9.59
C LEU A 128 7.30 6.83 -9.22
N SER A 129 8.32 6.80 -10.06
CA SER A 129 9.44 5.94 -9.75
C SER A 129 10.08 6.38 -8.42
N TYR A 130 10.17 7.69 -8.20
CA TYR A 130 10.76 8.23 -6.98
C TYR A 130 9.96 7.80 -5.75
N VAL A 131 8.64 7.76 -5.90
CA VAL A 131 7.84 7.36 -4.80
C VAL A 131 8.16 5.92 -4.61
N VAL A 132 8.16 5.12 -5.70
CA VAL A 132 8.31 3.66 -5.63
C VAL A 132 9.59 3.30 -4.96
N LEU A 133 10.65 3.97 -5.38
CA LEU A 133 11.98 3.77 -4.82
C LEU A 133 12.07 4.24 -3.40
N THR A 134 11.33 5.30 -3.05
CA THR A 134 11.32 5.74 -1.66
C THR A 134 10.73 4.61 -0.83
N VAL A 135 9.69 3.95 -1.34
CA VAL A 135 8.95 3.02 -0.54
C VAL A 135 9.93 1.90 -0.34
N ALA A 136 10.38 1.39 -1.46
CA ALA A 136 11.39 0.35 -1.47
C ALA A 136 12.62 0.67 -0.62
N ALA A 137 12.98 1.94 -0.45
CA ALA A 137 14.24 2.27 0.26
C ALA A 137 14.08 2.50 1.74
N LEU A 138 12.83 2.57 2.18
CA LEU A 138 12.51 3.17 3.46
C LEU A 138 12.95 2.28 4.62
N PRO A 139 12.43 1.03 4.71
CA PRO A 139 12.89 0.13 5.76
C PRO A 139 14.38 0.33 6.03
N MET A 140 15.16 0.38 4.96
CA MET A 140 16.59 0.48 5.11
C MET A 140 17.00 1.83 5.64
N LEU A 141 16.25 2.86 5.26
CA LEU A 141 16.69 4.22 5.57
C LEU A 141 16.26 4.51 6.97
N LYS A 142 15.05 4.08 7.30
CA LYS A 142 14.49 4.34 8.60
C LYS A 142 15.56 3.89 9.60
N GLN A 143 16.20 2.78 9.25
CA GLN A 143 17.21 2.15 10.05
C GLN A 143 18.56 2.83 10.03
N SER A 144 19.05 3.18 8.84
CA SER A 144 20.25 3.98 8.68
C SER A 144 20.17 5.41 9.27
N ASN A 145 18.94 5.87 9.55
CA ASN A 145 18.59 7.29 9.73
C ASN A 145 18.93 8.08 8.48
N GLY A 146 18.51 7.53 7.34
CA GLY A 146 19.00 8.00 6.06
C GLY A 146 18.47 9.33 5.63
N SER A 147 18.86 9.71 4.41
CA SER A 147 18.60 11.02 3.84
C SER A 147 18.14 10.81 2.41
N ILE A 148 16.84 10.94 2.15
CA ILE A 148 16.33 11.03 0.77
C ILE A 148 16.67 12.41 0.23
N VAL A 149 17.01 12.47 -1.05
CA VAL A 149 17.33 13.73 -1.76
C VAL A 149 16.68 13.77 -3.15
N VAL A 150 15.62 14.57 -3.30
CA VAL A 150 14.96 14.66 -4.62
C VAL A 150 15.44 15.86 -5.49
N VAL A 151 16.05 15.57 -6.63
CA VAL A 151 16.47 16.63 -7.53
C VAL A 151 15.32 17.21 -8.34
N SER A 152 15.03 18.51 -8.13
CA SER A 152 13.97 19.22 -8.89
C SER A 152 14.51 20.43 -9.65
N SER A 153 13.81 21.56 -9.67
CA SER A 153 14.06 22.55 -10.71
C SER A 153 13.27 23.81 -10.45
N LEU A 154 13.70 24.91 -11.08
CA LEU A 154 12.91 26.13 -11.04
C LEU A 154 11.50 25.85 -11.54
N ALA A 155 11.42 25.23 -12.72
CA ALA A 155 10.14 24.77 -13.30
C ALA A 155 9.33 23.95 -12.26
N GLY A 156 9.98 23.59 -11.14
CA GLY A 156 9.33 22.76 -10.19
C GLY A 156 8.66 23.53 -9.10
N LYS A 157 8.91 24.84 -9.06
CA LYS A 157 8.46 25.82 -8.06
C LYS A 157 7.69 26.92 -8.72
N VAL A 158 7.98 27.11 -10.00
CA VAL A 158 7.49 28.27 -10.75
C VAL A 158 7.10 27.76 -12.14
N ALA A 159 6.15 28.44 -12.77
CA ALA A 159 5.64 28.05 -14.08
C ALA A 159 6.62 28.45 -15.18
N TYR A 160 6.79 27.57 -16.19
CA TYR A 160 7.51 27.84 -17.44
C TYR A 160 6.82 27.26 -18.69
N PRO A 161 6.73 28.06 -19.78
CA PRO A 161 6.15 27.49 -20.99
C PRO A 161 7.17 26.48 -21.51
N MET A 162 6.78 25.51 -22.37
CA MET A 162 7.72 24.52 -23.01
C MET A 162 7.92 23.19 -22.25
N VAL A 163 7.72 23.24 -20.95
CA VAL A 163 8.05 22.15 -20.09
C VAL A 163 6.85 21.69 -19.26
N ALA A 164 5.63 21.91 -19.75
CA ALA A 164 4.40 21.58 -19.04
C ALA A 164 4.35 20.22 -18.35
N ALA A 165 4.64 19.14 -19.07
CA ALA A 165 4.61 17.79 -18.51
C ALA A 165 5.76 17.58 -17.53
N TYR A 166 6.93 18.05 -17.91
CA TYR A 166 8.09 18.10 -17.02
C TYR A 166 7.76 18.89 -15.73
N SER A 167 7.31 20.13 -15.88
CA SER A 167 6.87 20.90 -14.72
C SER A 167 5.86 20.23 -13.81
N ALA A 168 4.87 19.57 -14.39
CA ALA A 168 3.88 18.90 -13.53
C ALA A 168 4.54 17.82 -12.68
N SER A 169 5.52 17.12 -13.25
CA SER A 169 6.22 16.08 -12.49
C SER A 169 7.13 16.67 -11.38
N LYS A 170 7.87 17.73 -11.67
CA LYS A 170 8.55 18.42 -10.58
C LYS A 170 7.63 19.01 -9.47
N PHE A 171 6.51 19.66 -9.87
CA PHE A 171 5.61 20.27 -8.91
C PHE A 171 5.03 19.18 -7.98
N ALA A 172 4.65 18.06 -8.58
CA ALA A 172 4.27 16.86 -7.87
C ALA A 172 5.35 16.37 -6.82
N LEU A 173 6.65 16.37 -7.16
CA LEU A 173 7.66 15.88 -6.19
C LEU A 173 7.65 16.72 -4.91
N ASP A 174 7.56 18.04 -5.09
CA ASP A 174 7.36 18.94 -3.97
C ASP A 174 6.10 18.66 -3.11
N GLY A 175 4.93 18.73 -3.69
CA GLY A 175 3.74 18.40 -2.90
C GLY A 175 3.71 17.00 -2.23
N PHE A 176 4.39 16.02 -2.79
CA PHE A 176 4.38 14.74 -2.13
C PHE A 176 5.46 14.72 -1.06
N PHE A 177 6.65 15.19 -1.39
CA PHE A 177 7.73 14.98 -0.48
C PHE A 177 7.69 15.96 0.67
N SER A 178 7.06 17.10 0.47
CA SER A 178 6.89 17.96 1.57
C SER A 178 5.82 17.45 2.60
N SER A 179 4.86 16.69 2.13
CA SER A 179 3.86 16.16 3.02
C SER A 179 4.44 15.09 3.93
N ILE A 180 5.21 14.25 3.26
CA ILE A 180 5.87 13.12 3.82
C ILE A 180 6.81 13.69 4.84
N ARG A 181 7.59 14.68 4.47
CA ARG A 181 8.44 15.31 5.44
C ARG A 181 7.59 15.57 6.71
N LYS A 182 6.39 16.13 6.53
CA LYS A 182 5.60 16.58 7.65
C LYS A 182 5.15 15.39 8.48
N GLU A 183 4.61 14.37 7.82
CA GLU A 183 4.28 13.09 8.47
C GLU A 183 5.51 12.51 9.22
N TYR A 184 6.63 12.35 8.53
CA TYR A 184 7.81 11.78 9.16
C TYR A 184 8.12 12.59 10.41
N SER A 185 8.04 13.91 10.31
CA SER A 185 8.35 14.73 11.44
C SER A 185 7.48 14.35 12.64
N VAL A 186 6.17 14.27 12.44
CA VAL A 186 5.29 13.88 13.54
C VAL A 186 5.44 12.39 13.95
N SER A 187 5.81 11.52 13.02
CA SER A 187 5.99 10.09 13.34
C SER A 187 7.33 9.85 14.00
N ARG A 188 8.00 10.92 14.40
CA ARG A 188 9.42 10.84 14.73
C ARG A 188 10.19 9.78 13.85
N VAL A 189 9.85 9.68 12.59
CA VAL A 189 10.66 8.92 11.64
C VAL A 189 11.92 9.70 11.30
N ASN A 190 13.10 9.24 11.76
CA ASN A 190 14.29 10.02 11.53
C ASN A 190 15.08 9.88 10.20
N VAL A 191 14.35 10.06 9.09
CA VAL A 191 14.90 10.22 7.72
C VAL A 191 14.77 11.67 7.24
N SER A 192 15.86 12.27 6.76
CA SER A 192 15.76 13.60 6.16
C SER A 192 15.31 13.53 4.70
N ILE A 193 14.79 14.64 4.19
CA ILE A 193 14.24 14.76 2.82
C ILE A 193 14.68 16.10 2.26
N THR A 194 15.51 16.08 1.21
CA THR A 194 16.13 17.31 0.68
C THR A 194 15.62 17.58 -0.73
N LEU A 195 14.97 18.72 -0.93
CA LEU A 195 14.39 19.03 -2.23
C LEU A 195 15.27 20.02 -2.90
N CYS A 196 15.81 19.69 -4.09
CA CYS A 196 16.80 20.61 -4.68
C CYS A 196 16.30 21.35 -5.84
N VAL A 197 16.22 22.67 -5.70
CA VAL A 197 15.70 23.49 -6.80
C VAL A 197 16.78 24.01 -7.71
N LEU A 198 16.99 23.36 -8.86
CA LEU A 198 18.12 23.71 -9.72
C LEU A 198 17.72 24.57 -10.88
N GLY A 199 18.51 25.63 -11.14
CA GLY A 199 18.35 26.42 -12.36
C GLY A 199 19.05 25.75 -13.55
N LEU A 200 19.41 26.54 -14.54
CA LEU A 200 20.07 26.03 -15.74
C LEU A 200 21.50 25.56 -15.45
N ILE A 201 21.73 24.26 -15.68
CA ILE A 201 23.02 23.62 -15.48
C ILE A 201 23.57 23.09 -16.81
N ASP A 202 24.89 23.19 -16.97
CA ASP A 202 25.53 23.08 -18.27
C ASP A 202 25.72 21.64 -18.70
N THR A 203 24.76 20.78 -18.40
CA THR A 203 24.84 19.38 -18.87
C THR A 203 24.64 19.37 -20.34
N GLU A 204 25.15 18.32 -20.95
CA GLU A 204 24.97 18.08 -22.38
C GLU A 204 23.47 18.09 -22.75
N THR A 205 22.67 17.41 -21.95
CA THR A 205 21.27 17.32 -22.28
C THR A 205 20.65 18.69 -22.28
N ALA A 206 20.87 19.43 -21.19
CA ALA A 206 20.33 20.75 -21.06
C ALA A 206 20.87 21.70 -22.12
N MET A 207 22.17 21.59 -22.37
CA MET A 207 22.88 22.50 -23.24
C MET A 207 22.18 22.50 -24.56
N LYS A 208 21.92 21.32 -25.06
CA LYS A 208 21.37 21.13 -26.38
C LYS A 208 19.84 21.14 -26.39
N ALA A 209 19.21 20.77 -25.29
CA ALA A 209 17.75 20.75 -25.17
C ALA A 209 17.16 22.15 -25.28
N VAL A 210 18.02 23.12 -24.95
CA VAL A 210 17.70 24.50 -24.56
C VAL A 210 18.52 25.58 -25.39
N SER A 211 19.49 25.10 -26.19
CA SER A 211 20.18 25.85 -27.26
C SER A 211 19.26 26.58 -28.25
N GLY A 212 19.42 27.91 -28.27
CA GLY A 212 18.65 28.82 -29.10
C GLY A 212 17.25 29.02 -28.56
N ILE A 213 17.08 28.98 -27.24
CA ILE A 213 15.74 29.07 -26.62
C ILE A 213 15.72 29.68 -25.20
N VAL A 214 16.42 29.05 -24.25
CA VAL A 214 16.56 29.58 -22.87
C VAL A 214 17.90 30.31 -22.69
N HIS A 215 17.84 31.63 -22.66
CA HIS A 215 19.02 32.49 -22.70
C HIS A 215 19.54 32.91 -21.30
N MET A 216 19.93 31.95 -20.48
CA MET A 216 20.49 32.33 -19.20
C MET A 216 21.87 31.70 -19.03
N GLN A 217 22.58 32.10 -17.98
CA GLN A 217 23.86 31.49 -17.67
C GLN A 217 23.66 29.98 -17.42
N ALA A 218 24.74 29.22 -17.41
CA ALA A 218 24.62 27.79 -17.30
C ALA A 218 25.45 27.26 -16.15
N ALA A 219 25.05 27.56 -14.92
CA ALA A 219 25.72 27.02 -13.76
C ALA A 219 26.51 25.72 -14.07
N PRO A 220 27.79 25.63 -13.64
CA PRO A 220 28.63 24.47 -13.97
C PRO A 220 28.14 23.15 -13.36
N LYS A 221 28.08 22.08 -14.16
CA LYS A 221 27.50 20.81 -13.68
C LYS A 221 28.23 20.31 -12.46
N GLU A 222 29.55 20.18 -12.59
CA GLU A 222 30.38 19.65 -11.51
C GLU A 222 30.28 20.42 -10.15
N GLU A 223 29.94 21.69 -10.17
CA GLU A 223 29.76 22.41 -8.92
C GLU A 223 28.40 22.11 -8.34
N CYS A 224 27.39 22.16 -9.22
CA CYS A 224 26.01 21.84 -8.88
C CYS A 224 25.87 20.59 -8.03
N ALA A 225 26.53 19.50 -8.41
CA ALA A 225 26.30 18.17 -7.82
C ALA A 225 26.82 18.09 -6.41
N LEU A 226 27.91 18.79 -6.15
CA LEU A 226 28.42 18.87 -4.82
C LEU A 226 27.44 19.63 -3.92
N GLU A 227 26.82 20.67 -4.47
CA GLU A 227 25.90 21.46 -3.64
C GLU A 227 24.73 20.58 -3.22
N ILE A 228 24.33 19.71 -4.14
CA ILE A 228 23.28 18.78 -3.89
C ILE A 228 23.66 17.82 -2.80
N ILE A 229 24.93 17.42 -2.76
CA ILE A 229 25.36 16.42 -1.79
C ILE A 229 25.51 17.09 -0.45
N LYS A 230 26.25 18.18 -0.45
CA LYS A 230 26.41 18.90 0.79
C LYS A 230 25.00 18.98 1.44
N GLY A 231 23.98 19.26 0.60
CA GLY A 231 22.60 19.37 1.06
C GLY A 231 21.99 18.15 1.73
N GLY A 232 21.96 17.03 1.04
CA GLY A 232 21.47 15.80 1.67
C GLY A 232 22.34 15.37 2.84
N ALA A 233 23.62 15.78 2.80
CA ALA A 233 24.60 15.43 3.83
C ALA A 233 24.27 16.15 5.12
N LEU A 234 23.90 17.43 4.97
CA LEU A 234 23.48 18.28 6.09
C LEU A 234 22.03 18.14 6.48
N ARG A 235 21.27 17.28 5.85
CA ARG A 235 19.89 17.08 6.31
C ARG A 235 19.02 18.34 6.16
N GLN A 236 19.39 19.22 5.23
CA GLN A 236 18.59 20.39 4.89
C GLN A 236 17.24 20.05 4.23
N GLU A 237 16.23 20.88 4.46
CA GLU A 237 14.95 20.71 3.74
C GLU A 237 15.03 21.01 2.25
N GLU A 238 15.77 22.04 1.84
CA GLU A 238 15.96 22.35 0.42
C GLU A 238 17.31 22.94 0.14
N VAL A 239 17.75 22.81 -1.10
CA VAL A 239 18.94 23.51 -1.57
C VAL A 239 18.59 24.25 -2.87
N TYR A 240 19.10 25.47 -3.00
CA TYR A 240 18.79 26.27 -4.16
C TYR A 240 20.07 26.54 -4.99
N TYR A 241 20.25 25.87 -6.11
CA TYR A 241 21.39 26.13 -6.92
C TYR A 241 21.01 26.72 -8.28
N ASP A 242 21.24 28.02 -8.42
CA ASP A 242 21.07 28.70 -9.69
C ASP A 242 22.12 29.78 -9.80
N SER A 243 22.29 30.32 -11.00
CA SER A 243 23.40 31.22 -11.27
C SER A 243 22.96 32.68 -11.37
N SER A 244 21.73 32.95 -10.96
CA SER A 244 21.21 34.30 -10.87
C SER A 244 20.91 34.69 -9.41
N LEU A 245 21.36 35.90 -9.06
CA LEU A 245 21.14 36.52 -7.73
C LEU A 245 19.64 36.76 -7.49
N TRP A 246 18.94 37.25 -8.51
CA TRP A 246 17.48 37.40 -8.48
C TRP A 246 16.84 36.13 -7.94
N THR A 247 17.05 35.05 -8.69
CA THR A 247 16.62 33.69 -8.34
C THR A 247 16.69 33.32 -6.86
N THR A 248 17.88 33.03 -6.34
CA THR A 248 17.97 32.74 -4.92
C THR A 248 17.08 33.72 -4.14
N LEU A 249 17.28 35.00 -4.35
CA LEU A 249 16.58 36.01 -3.57
C LEU A 249 15.04 35.94 -3.62
N LEU A 250 14.47 35.67 -4.78
CA LEU A 250 13.01 35.53 -4.91
C LEU A 250 12.40 34.13 -4.69
N ILE A 251 13.04 33.07 -5.15
CA ILE A 251 12.41 31.76 -5.08
C ILE A 251 12.02 31.21 -3.70
N ARG A 252 12.44 31.82 -2.59
CA ARG A 252 12.11 31.21 -1.30
C ARG A 252 10.72 31.74 -0.92
N ASN A 253 9.89 30.89 -0.30
CA ASN A 253 8.50 31.27 -0.14
C ASN A 253 8.05 31.27 1.32
N PRO A 254 8.30 32.39 2.00
CA PRO A 254 8.12 32.52 3.41
C PRO A 254 6.67 32.43 3.79
N SER A 255 5.74 32.86 2.93
CA SER A 255 4.31 32.71 3.20
C SER A 255 3.98 31.27 3.32
N ARG A 256 4.53 30.44 2.42
CA ARG A 256 4.27 29.02 2.51
C ARG A 256 4.76 28.51 3.86
N LYS A 257 5.95 28.88 4.30
CA LYS A 257 6.44 28.31 5.52
C LYS A 257 5.57 28.73 6.72
N ILE A 258 5.07 29.95 6.71
CA ILE A 258 4.24 30.43 7.77
C ILE A 258 2.89 29.72 7.73
N LEU A 259 2.28 29.69 6.57
CA LEU A 259 1.05 28.94 6.39
C LEU A 259 1.21 27.49 6.88
N GLU A 260 2.30 26.84 6.52
CA GLU A 260 2.56 25.53 7.07
C GLU A 260 2.70 25.54 8.60
N PHE A 261 3.35 26.57 9.16
CA PHE A 261 3.40 26.64 10.61
C PHE A 261 2.03 26.77 11.20
N LEU A 262 1.34 27.87 10.93
CA LEU A 262 0.04 28.12 11.53
C LEU A 262 -0.76 26.85 11.64
N TYR A 263 -0.97 26.19 10.49
CA TYR A 263 -1.64 24.90 10.35
C TYR A 263 -1.01 23.69 11.09
N SER A 264 0.25 23.85 11.51
CA SER A 264 1.03 22.81 12.19
C SER A 264 0.54 22.60 13.61
N THR A 265 -0.60 23.26 13.94
CA THR A 265 -1.20 23.36 15.31
C THR A 265 -2.75 23.46 15.18
N PHE B 10 -18.71 40.52 -12.79
CA PHE B 10 -19.51 39.30 -13.15
C PHE B 10 -20.99 39.59 -13.42
N ARG B 11 -21.48 39.14 -14.56
CA ARG B 11 -22.90 39.19 -14.87
C ARG B 11 -23.33 37.74 -15.14
N PRO B 12 -24.37 37.23 -14.44
CA PRO B 12 -24.92 35.88 -14.75
C PRO B 12 -25.57 35.67 -16.14
N GLU B 13 -26.06 36.75 -16.74
CA GLU B 13 -26.30 36.87 -18.18
C GLU B 13 -25.14 36.24 -18.95
N MET B 14 -23.95 36.24 -18.35
CA MET B 14 -22.77 35.67 -18.97
C MET B 14 -22.94 34.17 -19.24
N LEU B 15 -23.61 33.46 -18.34
CA LEU B 15 -23.81 32.03 -18.52
C LEU B 15 -25.16 31.63 -19.16
N GLN B 16 -25.97 32.64 -19.47
CA GLN B 16 -27.23 32.56 -20.20
C GLN B 16 -27.21 31.37 -21.13
N GLY B 17 -26.62 31.49 -22.32
CA GLY B 17 -26.79 30.38 -23.24
C GLY B 17 -25.64 29.40 -23.26
N LYS B 18 -25.14 29.07 -22.11
CA LYS B 18 -23.79 28.53 -22.02
C LYS B 18 -23.69 27.01 -21.87
N LYS B 19 -22.64 26.45 -22.45
CA LYS B 19 -22.45 25.00 -22.55
C LYS B 19 -21.34 24.56 -21.63
N VAL B 20 -21.71 23.97 -20.53
CA VAL B 20 -20.77 23.67 -19.47
C VAL B 20 -20.81 22.20 -19.05
N ILE B 21 -19.62 21.61 -19.00
CA ILE B 21 -19.45 20.24 -18.53
C ILE B 21 -19.04 20.40 -17.06
N VAL B 22 -19.59 19.60 -16.13
CA VAL B 22 -19.04 19.57 -14.77
C VAL B 22 -18.76 18.16 -14.38
N THR B 23 -17.50 17.83 -14.15
CA THR B 23 -17.16 16.47 -13.76
C THR B 23 -17.17 16.45 -12.27
N GLY B 24 -17.17 15.27 -11.68
CA GLY B 24 -17.38 15.10 -10.26
C GLY B 24 -18.64 15.74 -9.78
N ALA B 25 -19.72 15.55 -10.53
CA ALA B 25 -20.92 16.38 -10.37
C ALA B 25 -22.09 15.75 -9.60
N SER B 26 -21.85 14.61 -8.93
CA SER B 26 -22.92 13.89 -8.24
C SER B 26 -23.13 14.32 -6.79
N LYS B 27 -22.06 14.62 -6.07
CA LYS B 27 -22.26 15.24 -4.76
C LYS B 27 -21.27 16.41 -4.59
N GLY B 28 -21.23 17.02 -3.41
CA GLY B 28 -20.31 18.09 -3.11
C GLY B 28 -20.28 19.27 -4.09
N ILE B 29 -19.19 20.04 -3.96
CA ILE B 29 -18.98 21.29 -4.68
C ILE B 29 -19.31 21.14 -6.13
N GLY B 30 -19.13 19.96 -6.69
CA GLY B 30 -19.47 19.76 -8.10
C GLY B 30 -20.97 19.91 -8.38
N ARG B 31 -21.79 19.26 -7.56
CA ARG B 31 -23.26 19.33 -7.71
C ARG B 31 -23.75 20.76 -7.65
N GLU B 32 -23.22 21.53 -6.69
CA GLU B 32 -23.71 22.85 -6.47
C GLU B 32 -23.44 23.70 -7.68
N MET B 33 -22.32 23.45 -8.35
CA MET B 33 -22.06 24.20 -9.58
C MET B 33 -23.12 23.88 -10.60
N ALA B 34 -23.45 22.59 -10.67
CA ALA B 34 -24.44 22.08 -11.58
C ALA B 34 -25.59 22.99 -11.38
N TYR B 35 -26.04 23.06 -10.13
CA TYR B 35 -27.29 23.75 -9.85
C TYR B 35 -27.22 25.25 -10.13
N HIS B 36 -26.06 25.86 -9.86
CA HIS B 36 -25.86 27.29 -10.09
C HIS B 36 -25.90 27.48 -11.55
N LEU B 37 -25.27 26.55 -12.26
CA LEU B 37 -25.23 26.70 -13.70
C LEU B 37 -26.63 26.52 -14.32
N ALA B 38 -27.46 25.74 -13.62
CA ALA B 38 -28.82 25.44 -14.04
C ALA B 38 -29.72 26.65 -13.76
N LYS B 39 -29.60 27.24 -12.55
CA LYS B 39 -30.25 28.51 -12.18
C LYS B 39 -29.94 29.64 -13.16
N MET B 40 -28.70 29.72 -13.62
CA MET B 40 -28.31 30.77 -14.55
C MET B 40 -28.73 30.33 -15.93
N GLY B 41 -29.50 29.24 -15.97
CA GLY B 41 -30.00 28.71 -17.21
C GLY B 41 -28.95 28.40 -18.27
N ALA B 42 -27.76 27.98 -17.84
CA ALA B 42 -26.78 27.38 -18.75
C ALA B 42 -27.30 26.07 -19.42
N HIS B 43 -26.64 25.57 -20.45
CA HIS B 43 -26.71 24.09 -20.69
C HIS B 43 -25.68 23.29 -19.86
N VAL B 44 -26.09 22.22 -19.17
CA VAL B 44 -25.14 21.39 -18.37
C VAL B 44 -25.11 19.88 -18.65
N VAL B 45 -23.92 19.34 -18.89
CA VAL B 45 -23.71 17.89 -18.91
C VAL B 45 -22.86 17.63 -17.69
N VAL B 46 -23.32 16.73 -16.82
CA VAL B 46 -22.63 16.37 -15.56
C VAL B 46 -22.05 14.98 -15.64
N THR B 47 -20.96 14.72 -14.93
CA THR B 47 -20.45 13.32 -14.87
C THR B 47 -19.95 12.81 -13.55
N ALA B 48 -20.07 11.51 -13.32
CA ALA B 48 -19.44 10.79 -12.24
C ALA B 48 -19.54 9.31 -12.50
N ARG B 49 -19.11 8.50 -11.54
CA ARG B 49 -19.35 7.09 -11.68
C ARG B 49 -20.83 6.77 -11.38
N SER B 50 -21.42 7.49 -10.44
CA SER B 50 -22.65 6.99 -9.85
C SER B 50 -23.91 7.42 -10.60
N LYS B 51 -24.25 6.57 -11.55
CA LYS B 51 -25.44 6.69 -12.37
C LYS B 51 -26.65 7.24 -11.64
N GLU B 52 -27.15 6.47 -10.68
CA GLU B 52 -28.46 6.75 -10.03
C GLU B 52 -28.49 8.13 -9.34
N THR B 53 -27.37 8.53 -8.74
CA THR B 53 -27.20 9.93 -8.29
C THR B 53 -27.30 10.95 -9.45
N LEU B 54 -26.63 10.70 -10.58
CA LEU B 54 -26.68 11.69 -11.64
C LEU B 54 -28.10 11.95 -12.19
N GLN B 55 -28.98 10.93 -12.17
CA GLN B 55 -30.35 11.07 -12.70
C GLN B 55 -31.01 12.13 -11.87
N LYS B 56 -30.70 12.07 -10.59
CA LYS B 56 -31.27 12.93 -9.61
C LYS B 56 -30.79 14.37 -9.80
N VAL B 57 -29.50 14.60 -10.09
CA VAL B 57 -29.10 16.00 -10.23
C VAL B 57 -29.55 16.63 -11.55
N VAL B 58 -29.66 15.81 -12.60
CA VAL B 58 -30.05 16.31 -13.93
C VAL B 58 -31.47 16.81 -13.84
N SER B 59 -32.27 16.04 -13.12
CA SER B 59 -33.66 16.35 -13.07
C SER B 59 -33.86 17.55 -12.15
N HIS B 60 -33.05 17.65 -11.08
CA HIS B 60 -33.02 18.85 -10.25
C HIS B 60 -32.58 20.07 -11.08
N CYS B 61 -31.55 19.87 -11.88
CA CYS B 61 -31.10 20.92 -12.79
C CYS B 61 -32.22 21.37 -13.73
N LEU B 62 -32.92 20.39 -14.29
CA LEU B 62 -34.00 20.71 -15.17
C LEU B 62 -35.08 21.59 -14.46
N GLU B 63 -35.59 21.10 -13.33
CA GLU B 63 -36.43 21.87 -12.38
C GLU B 63 -35.98 23.36 -12.15
N LEU B 64 -34.66 23.53 -11.97
CA LEU B 64 -34.01 24.81 -11.70
C LEU B 64 -33.90 25.81 -12.86
N GLY B 65 -34.05 25.33 -14.08
CA GLY B 65 -34.10 26.28 -15.18
C GLY B 65 -33.02 26.08 -16.20
N ALA B 66 -32.19 25.04 -15.98
CA ALA B 66 -31.26 24.60 -17.00
C ALA B 66 -31.85 24.73 -18.46
N ALA B 67 -31.09 25.37 -19.33
CA ALA B 67 -31.42 25.41 -20.74
C ALA B 67 -31.56 23.99 -21.31
N SER B 68 -30.82 23.04 -20.73
CA SER B 68 -30.92 21.59 -20.98
C SER B 68 -30.00 20.89 -19.94
N ALA B 69 -30.21 19.62 -19.65
CA ALA B 69 -29.31 18.97 -18.72
C ALA B 69 -29.15 17.51 -19.06
N HIS B 70 -27.95 16.96 -18.89
CA HIS B 70 -27.64 15.57 -19.31
C HIS B 70 -26.57 14.96 -18.43
N TYR B 71 -26.62 13.64 -18.27
CA TYR B 71 -25.55 12.97 -17.55
C TYR B 71 -24.92 11.94 -18.46
N ILE B 72 -23.69 11.59 -18.16
CA ILE B 72 -23.03 10.47 -18.75
C ILE B 72 -22.19 9.92 -17.60
N ALA B 73 -22.44 8.66 -17.16
CA ALA B 73 -21.76 8.06 -15.97
C ALA B 73 -20.60 7.17 -16.36
N GLY B 74 -19.55 7.14 -15.56
CA GLY B 74 -18.32 6.38 -15.90
C GLY B 74 -17.19 6.72 -14.95
N THR B 75 -15.98 6.21 -15.16
CA THR B 75 -14.88 6.43 -14.22
C THR B 75 -13.70 7.05 -14.89
N MET B 76 -13.12 8.05 -14.26
CA MET B 76 -12.02 8.77 -14.92
C MET B 76 -10.68 8.11 -14.70
N GLU B 77 -10.67 6.86 -14.23
CA GLU B 77 -9.40 6.09 -14.30
C GLU B 77 -9.31 5.56 -15.74
N ASP B 78 -10.40 5.73 -16.47
CA ASP B 78 -10.48 5.17 -17.75
C ASP B 78 -10.39 6.28 -18.77
N MET B 79 -9.24 6.32 -19.43
CA MET B 79 -8.85 7.44 -20.25
C MET B 79 -9.65 7.48 -21.52
N THR B 80 -10.02 6.29 -21.99
CA THR B 80 -10.82 6.33 -23.18
C THR B 80 -12.25 6.80 -22.87
N PHE B 81 -12.79 6.43 -21.71
CA PHE B 81 -14.05 7.04 -21.24
C PHE B 81 -13.97 8.55 -21.10
N ALA B 82 -12.91 9.03 -20.43
CA ALA B 82 -12.63 10.46 -20.35
C ALA B 82 -12.61 11.11 -21.72
N GLU B 83 -11.80 10.62 -22.66
CA GLU B 83 -11.81 11.23 -23.99
C GLU B 83 -13.18 11.14 -24.71
N GLN B 84 -13.79 9.95 -24.69
CA GLN B 84 -15.15 9.78 -25.16
C GLN B 84 -16.16 10.63 -24.44
N PHE B 85 -15.94 10.89 -23.14
CA PHE B 85 -16.90 11.73 -22.43
C PHE B 85 -17.07 13.14 -23.03
N VAL B 86 -15.98 13.76 -23.51
CA VAL B 86 -16.12 15.14 -23.95
C VAL B 86 -16.85 15.23 -25.29
N ALA B 87 -16.56 14.26 -26.19
CA ALA B 87 -17.19 14.28 -27.53
C ALA B 87 -18.68 14.14 -27.45
N GLN B 88 -19.17 13.26 -26.60
CA GLN B 88 -20.60 13.11 -26.45
C GLN B 88 -21.20 14.31 -25.75
N ALA B 89 -20.49 14.86 -24.76
CA ALA B 89 -20.95 15.97 -23.93
C ALA B 89 -21.13 17.11 -24.90
N GLY B 90 -20.17 17.13 -25.83
CA GLY B 90 -20.15 18.07 -26.90
C GLY B 90 -21.41 17.95 -27.70
N LYS B 91 -21.71 16.75 -28.13
CA LYS B 91 -22.77 16.56 -29.09
C LYS B 91 -24.12 16.72 -28.45
N LEU B 92 -24.21 16.50 -27.16
CA LEU B 92 -25.50 16.66 -26.46
C LEU B 92 -25.93 18.12 -26.38
N MET B 93 -25.13 18.97 -25.74
CA MET B 93 -25.26 20.44 -25.94
C MET B 93 -24.79 20.73 -27.36
N GLY B 94 -24.64 21.98 -27.75
CA GLY B 94 -24.30 22.22 -29.19
C GLY B 94 -22.87 22.56 -29.52
N GLY B 95 -21.95 21.94 -28.77
CA GLY B 95 -20.55 22.41 -28.55
C GLY B 95 -20.29 22.62 -27.06
N LEU B 96 -19.21 23.34 -26.72
CA LEU B 96 -18.78 23.53 -25.31
C LEU B 96 -18.19 24.91 -25.05
N ASP B 97 -18.57 25.54 -23.95
CA ASP B 97 -18.08 26.87 -23.65
C ASP B 97 -17.09 26.85 -22.47
N MET B 98 -17.23 25.88 -21.60
CA MET B 98 -16.48 25.93 -20.40
C MET B 98 -16.41 24.51 -19.86
N LEU B 99 -15.24 24.13 -19.36
CA LEU B 99 -15.02 22.76 -18.93
C LEU B 99 -14.49 22.85 -17.51
N ILE B 100 -15.23 22.27 -16.57
CA ILE B 100 -14.91 22.36 -15.17
C ILE B 100 -14.52 20.98 -14.66
N LEU B 101 -13.24 20.84 -14.37
CA LEU B 101 -12.68 19.60 -13.90
C LEU B 101 -12.63 19.72 -12.42
N ASN B 102 -13.28 18.82 -11.74
CA ASN B 102 -13.58 19.00 -10.34
C ASN B 102 -13.44 17.67 -9.64
N HIS B 103 -13.71 16.57 -10.34
CA HIS B 103 -13.64 15.20 -9.77
C HIS B 103 -12.27 14.84 -9.12
N ILE B 104 -12.29 13.94 -8.15
CA ILE B 104 -11.05 13.40 -7.57
C ILE B 104 -11.32 11.98 -7.16
N THR B 105 -10.28 11.15 -7.23
CA THR B 105 -10.36 9.78 -6.74
C THR B 105 -10.59 9.90 -5.27
N ASN B 106 -11.35 8.99 -4.75
CA ASN B 106 -11.72 9.04 -3.37
C ASN B 106 -10.47 8.91 -2.49
N THR B 107 -10.43 9.73 -1.44
CA THR B 107 -9.27 9.86 -0.55
C THR B 107 -9.70 10.21 0.88
N SER B 108 -8.79 10.04 1.83
CA SER B 108 -9.07 10.31 3.23
C SER B 108 -7.75 10.67 3.89
N LEU B 109 -7.77 10.93 5.19
CA LEU B 109 -6.52 11.34 5.80
C LEU B 109 -5.93 10.14 6.41
N ASN B 110 -4.73 9.81 5.96
CA ASN B 110 -3.90 8.83 6.62
C ASN B 110 -2.46 9.18 6.32
N LEU B 111 -1.59 8.76 7.23
CA LEU B 111 -0.19 8.74 6.96
C LEU B 111 -0.05 7.93 5.69
N PHE B 112 1.04 8.14 4.96
CA PHE B 112 1.37 7.35 3.77
C PHE B 112 2.38 6.33 4.18
N HIS B 113 2.09 5.09 3.85
CA HIS B 113 3.00 4.07 4.29
C HIS B 113 3.83 3.52 3.10
N ASP B 114 3.12 2.95 2.13
CA ASP B 114 3.67 2.22 1.05
C ASP B 114 2.52 2.00 0.03
N ASP B 115 1.40 2.69 0.23
CA ASP B 115 0.28 2.56 -0.67
C ASP B 115 0.59 3.31 -1.95
N ILE B 116 1.01 2.52 -2.92
CA ILE B 116 1.57 3.02 -4.12
C ILE B 116 0.49 2.92 -5.16
N HIS B 117 -0.50 2.06 -4.92
CA HIS B 117 -1.64 1.99 -5.79
C HIS B 117 -2.46 3.29 -5.68
N HIS B 118 -2.56 3.83 -4.46
CA HIS B 118 -3.28 5.06 -4.20
C HIS B 118 -2.51 6.30 -4.63
N VAL B 119 -1.19 6.24 -4.59
CA VAL B 119 -0.42 7.34 -5.17
C VAL B 119 -0.66 7.34 -6.67
N ARG B 120 -0.56 6.18 -7.32
CA ARG B 120 -0.88 6.09 -8.74
C ARG B 120 -2.32 6.51 -9.11
N LYS B 121 -3.31 6.12 -8.30
CA LYS B 121 -4.69 6.36 -8.63
C LYS B 121 -4.95 7.83 -8.49
N SER B 122 -4.26 8.45 -7.53
CA SER B 122 -4.47 9.86 -7.27
C SER B 122 -3.93 10.63 -8.46
N MET B 123 -2.75 10.22 -8.90
CA MET B 123 -2.16 10.81 -10.09
C MET B 123 -2.97 10.66 -11.36
N GLU B 124 -3.52 9.46 -11.60
CA GLU B 124 -4.33 9.21 -12.80
C GLU B 124 -5.66 9.97 -12.78
N VAL B 125 -6.39 9.89 -11.67
CA VAL B 125 -7.73 10.41 -11.60
C VAL B 125 -7.77 11.91 -11.34
N ASN B 126 -6.99 12.47 -10.41
CA ASN B 126 -7.04 13.92 -10.18
C ASN B 126 -6.23 14.78 -11.11
N PHE B 127 -5.31 14.16 -11.86
CA PHE B 127 -4.34 14.86 -12.71
C PHE B 127 -4.38 14.51 -14.20
N LEU B 128 -3.94 13.29 -14.49
CA LEU B 128 -3.99 12.76 -15.81
C LEU B 128 -5.37 12.86 -16.45
N SER B 129 -6.40 12.31 -15.83
CA SER B 129 -7.73 12.52 -16.44
C SER B 129 -7.99 14.02 -16.80
N TYR B 130 -7.61 14.95 -15.94
CA TYR B 130 -7.70 16.37 -16.27
C TYR B 130 -6.98 16.73 -17.59
N VAL B 131 -5.76 16.23 -17.80
CA VAL B 131 -5.15 16.44 -19.11
C VAL B 131 -5.93 15.79 -20.27
N VAL B 132 -6.44 14.57 -20.06
CA VAL B 132 -7.06 13.86 -21.14
C VAL B 132 -8.33 14.59 -21.56
N LEU B 133 -9.12 14.99 -20.56
CA LEU B 133 -10.31 15.81 -20.79
C LEU B 133 -9.95 17.18 -21.45
N THR B 134 -8.81 17.75 -21.08
CA THR B 134 -8.46 19.05 -21.65
C THR B 134 -8.07 18.88 -23.15
N VAL B 135 -7.27 17.87 -23.45
CA VAL B 135 -6.90 17.64 -24.82
C VAL B 135 -8.14 17.46 -25.69
N ALA B 136 -9.08 16.62 -25.24
CA ALA B 136 -10.28 16.35 -26.03
C ALA B 136 -11.22 17.53 -26.15
N ALA B 137 -11.16 18.42 -25.19
CA ALA B 137 -12.16 19.43 -25.11
C ALA B 137 -11.68 20.70 -25.83
N LEU B 138 -10.45 20.70 -26.30
CA LEU B 138 -9.88 21.96 -26.75
C LEU B 138 -10.42 22.50 -28.04
N PRO B 139 -10.62 21.64 -29.09
CA PRO B 139 -11.21 22.23 -30.29
C PRO B 139 -12.43 23.05 -30.02
N MET B 140 -13.35 22.51 -29.27
CA MET B 140 -14.61 23.21 -29.08
C MET B 140 -14.43 24.47 -28.22
N LEU B 141 -13.40 24.49 -27.41
CA LEU B 141 -13.24 25.57 -26.51
C LEU B 141 -12.57 26.68 -27.32
N LYS B 142 -11.66 26.32 -28.21
CA LYS B 142 -11.03 27.33 -29.09
C LYS B 142 -12.06 28.02 -29.98
N GLN B 143 -13.16 27.33 -30.27
CA GLN B 143 -14.17 27.93 -31.11
C GLN B 143 -15.10 28.85 -30.38
N SER B 144 -15.09 28.77 -29.07
CA SER B 144 -15.94 29.72 -28.33
C SER B 144 -15.09 30.72 -27.48
N ASN B 145 -13.77 30.71 -27.65
CA ASN B 145 -12.92 31.36 -26.69
C ASN B 145 -13.41 31.06 -25.29
N GLY B 146 -13.40 29.76 -24.95
CA GLY B 146 -13.88 29.29 -23.66
C GLY B 146 -12.86 29.13 -22.53
N SER B 147 -13.17 28.22 -21.62
CA SER B 147 -12.57 28.31 -20.32
C SER B 147 -12.30 26.97 -19.69
N ILE B 148 -11.15 26.81 -19.06
CA ILE B 148 -10.96 25.62 -18.30
C ILE B 148 -10.96 26.04 -16.87
N VAL B 149 -11.77 25.35 -16.08
CA VAL B 149 -11.75 25.55 -14.66
C VAL B 149 -11.24 24.25 -13.96
N VAL B 150 -10.12 24.38 -13.27
CA VAL B 150 -9.45 23.24 -12.61
C VAL B 150 -9.48 23.49 -11.08
N VAL B 151 -10.12 22.58 -10.38
CA VAL B 151 -10.39 22.78 -8.96
C VAL B 151 -9.29 22.18 -8.18
N SER B 152 -8.57 22.97 -7.39
CA SER B 152 -7.45 22.46 -6.60
C SER B 152 -7.73 22.77 -5.19
N SER B 153 -6.67 22.91 -4.39
CA SER B 153 -6.82 23.11 -2.95
C SER B 153 -5.62 23.73 -2.33
N LEU B 154 -5.77 24.21 -1.08
CA LEU B 154 -4.65 24.68 -0.30
C LEU B 154 -3.49 23.70 -0.41
N ALA B 155 -3.79 22.42 -0.21
CA ALA B 155 -2.79 21.37 -0.19
C ALA B 155 -2.17 21.15 -1.55
N GLY B 156 -2.62 21.93 -2.56
CA GLY B 156 -1.96 22.03 -3.86
C GLY B 156 -1.17 23.32 -4.00
N LYS B 157 -0.85 23.95 -2.87
CA LYS B 157 -0.09 25.21 -2.84
C LYS B 157 0.85 25.15 -1.68
N VAL B 158 0.51 24.38 -0.68
CA VAL B 158 1.27 24.39 0.54
C VAL B 158 1.35 22.91 0.84
N ALA B 159 2.29 22.43 1.66
CA ALA B 159 2.34 21.00 2.00
C ALA B 159 1.57 20.72 3.25
N TYR B 160 0.81 19.63 3.29
CA TYR B 160 0.03 19.19 4.49
C TYR B 160 0.21 17.73 4.68
N PRO B 161 0.34 17.30 5.94
CA PRO B 161 0.56 15.88 6.18
C PRO B 161 -0.77 15.17 6.09
N MET B 162 -0.72 13.88 5.74
CA MET B 162 -1.90 13.01 5.61
C MET B 162 -2.57 13.05 4.24
N VAL B 163 -2.14 13.97 3.39
CA VAL B 163 -2.71 14.07 2.07
C VAL B 163 -1.63 14.16 0.97
N ALA B 164 -0.50 13.50 1.24
CA ALA B 164 0.61 13.30 0.35
C ALA B 164 0.19 13.00 -1.09
N ALA B 165 -0.44 11.86 -1.34
CA ALA B 165 -0.84 11.50 -2.69
C ALA B 165 -1.62 12.64 -3.35
N TYR B 166 -2.79 12.96 -2.76
CA TYR B 166 -3.64 14.06 -3.14
C TYR B 166 -2.80 15.28 -3.53
N SER B 167 -2.02 15.73 -2.55
CA SER B 167 -1.20 16.95 -2.67
C SER B 167 -0.29 16.86 -3.88
N ALA B 168 0.22 15.67 -4.14
CA ALA B 168 1.11 15.51 -5.26
C ALA B 168 0.32 15.69 -6.54
N SER B 169 -0.92 15.22 -6.57
CA SER B 169 -1.69 15.35 -7.81
C SER B 169 -2.13 16.79 -8.01
N LYS B 170 -2.25 17.51 -6.89
CA LYS B 170 -2.72 18.86 -6.94
C LYS B 170 -1.62 19.83 -7.30
N PHE B 171 -0.42 19.61 -6.76
CA PHE B 171 0.73 20.41 -7.22
C PHE B 171 0.85 20.18 -8.70
N ALA B 172 0.88 18.92 -9.11
CA ALA B 172 0.92 18.62 -10.54
C ALA B 172 -0.10 19.45 -11.34
N LEU B 173 -1.32 19.57 -10.87
CA LEU B 173 -2.27 20.38 -11.60
C LEU B 173 -1.79 21.82 -11.83
N ASP B 174 -1.21 22.43 -10.80
CA ASP B 174 -0.75 23.79 -10.89
C ASP B 174 0.39 23.93 -11.89
N GLY B 175 1.37 23.06 -11.72
CA GLY B 175 2.53 22.96 -12.59
C GLY B 175 2.08 22.88 -14.04
N PHE B 176 1.29 21.86 -14.34
CA PHE B 176 1.02 21.56 -15.75
C PHE B 176 0.21 22.66 -16.46
N PHE B 177 -0.86 23.09 -15.80
CA PHE B 177 -1.79 24.09 -16.34
C PHE B 177 -1.31 25.53 -16.32
N SER B 178 -0.59 25.90 -15.27
CA SER B 178 0.00 27.21 -15.20
C SER B 178 1.03 27.34 -16.31
N SER B 179 1.43 26.22 -16.90
CA SER B 179 2.46 26.18 -17.93
C SER B 179 1.84 26.19 -19.35
N ILE B 180 0.85 25.34 -19.54
CA ILE B 180 -0.09 25.39 -20.64
C ILE B 180 -0.62 26.82 -20.86
N ARG B 181 -0.95 27.56 -19.76
CA ARG B 181 -1.54 28.91 -19.89
C ARG B 181 -0.56 29.96 -20.44
N LYS B 182 0.73 29.85 -20.09
CA LYS B 182 1.77 30.71 -20.59
C LYS B 182 1.98 30.39 -22.06
N GLU B 183 1.95 29.09 -22.37
CA GLU B 183 1.99 28.65 -23.79
C GLU B 183 0.81 29.21 -24.54
N TYR B 184 -0.40 29.16 -23.97
CA TYR B 184 -1.56 29.56 -24.74
C TYR B 184 -1.38 31.02 -25.16
N SER B 185 -0.89 31.80 -24.22
CA SER B 185 -0.84 33.23 -24.29
C SER B 185 -0.13 33.71 -25.54
N VAL B 186 0.99 33.09 -25.83
CA VAL B 186 1.80 33.49 -26.95
C VAL B 186 1.38 32.72 -28.21
N SER B 187 0.45 31.79 -28.06
CA SER B 187 0.07 30.92 -29.16
C SER B 187 -1.26 31.44 -29.72
N ARG B 188 -1.68 32.60 -29.23
CA ARG B 188 -2.90 33.26 -29.67
C ARG B 188 -4.06 32.31 -29.37
N VAL B 189 -3.85 31.37 -28.42
CA VAL B 189 -4.87 30.40 -27.98
C VAL B 189 -5.78 31.03 -26.94
N ASN B 190 -6.96 31.45 -27.38
CA ASN B 190 -7.75 32.36 -26.57
C ASN B 190 -8.62 31.64 -25.57
N VAL B 191 -8.16 30.48 -25.10
CA VAL B 191 -8.87 29.77 -24.02
C VAL B 191 -8.30 30.17 -22.65
N SER B 192 -9.16 30.74 -21.80
CA SER B 192 -8.76 31.10 -20.41
C SER B 192 -8.51 29.83 -19.58
N ILE B 193 -7.84 29.95 -18.44
CA ILE B 193 -7.53 28.81 -17.52
C ILE B 193 -7.44 29.31 -16.10
N THR B 194 -8.39 28.88 -15.28
CA THR B 194 -8.54 29.28 -13.89
C THR B 194 -8.26 28.16 -12.90
N LEU B 195 -7.31 28.39 -12.01
CA LEU B 195 -7.00 27.46 -10.90
C LEU B 195 -7.70 27.92 -9.62
N CYS B 196 -8.63 27.10 -9.12
CA CYS B 196 -9.35 27.36 -7.86
C CYS B 196 -8.64 26.76 -6.65
N VAL B 197 -8.28 27.59 -5.67
CA VAL B 197 -7.58 27.09 -4.51
C VAL B 197 -8.51 27.10 -3.34
N LEU B 198 -8.90 25.92 -2.87
CA LEU B 198 -9.97 25.82 -1.88
C LEU B 198 -9.46 25.38 -0.53
N GLY B 199 -10.01 25.99 0.53
CA GLY B 199 -9.83 25.46 1.85
C GLY B 199 -10.92 24.44 2.11
N LEU B 200 -11.13 24.08 3.37
CA LEU B 200 -12.16 23.12 3.77
C LEU B 200 -13.50 23.65 3.35
N ILE B 201 -14.37 22.77 2.88
CA ILE B 201 -15.69 23.20 2.47
C ILE B 201 -16.72 22.29 3.14
N ASP B 202 -17.92 22.85 3.36
CA ASP B 202 -19.05 22.13 3.94
C ASP B 202 -19.23 20.64 3.60
N THR B 203 -18.78 20.17 2.41
CA THR B 203 -19.23 18.89 1.81
C THR B 203 -19.20 17.71 2.76
N GLU B 204 -20.12 16.79 2.50
CA GLU B 204 -20.32 15.60 3.31
C GLU B 204 -19.01 14.80 3.46
N THR B 205 -18.26 14.70 2.37
CA THR B 205 -17.17 13.74 2.32
C THR B 205 -15.94 14.33 2.98
N ALA B 206 -15.74 15.63 2.80
CA ALA B 206 -14.72 16.35 3.58
C ALA B 206 -15.01 16.37 5.08
N MET B 207 -16.22 16.79 5.49
CA MET B 207 -16.60 16.80 6.93
C MET B 207 -16.37 15.46 7.62
N LYS B 208 -16.79 14.38 6.96
CA LYS B 208 -16.56 13.03 7.45
C LYS B 208 -15.07 12.68 7.45
N ALA B 209 -14.27 13.25 6.55
CA ALA B 209 -12.86 12.86 6.46
C ALA B 209 -11.99 13.56 7.47
N VAL B 210 -12.44 14.74 7.88
CA VAL B 210 -11.71 15.51 8.88
C VAL B 210 -12.26 15.28 10.28
N SER B 211 -13.28 14.40 10.42
CA SER B 211 -13.67 13.81 11.69
C SER B 211 -12.71 14.12 12.84
N GLY B 212 -12.89 15.29 13.48
CA GLY B 212 -12.06 15.71 14.64
C GLY B 212 -10.53 15.77 14.46
N ILE B 213 -10.06 15.52 13.24
CA ILE B 213 -8.65 15.61 12.89
C ILE B 213 -8.25 17.06 12.58
N VAL B 214 -9.21 17.90 12.19
CA VAL B 214 -8.91 19.30 11.78
C VAL B 214 -9.87 20.30 12.44
N HIS B 215 -9.30 21.32 13.05
CA HIS B 215 -10.10 22.31 13.78
C HIS B 215 -10.13 23.62 12.99
N MET B 216 -10.57 23.46 11.74
CA MET B 216 -10.53 24.51 10.77
C MET B 216 -11.99 24.83 10.46
N GLN B 217 -12.33 26.12 10.43
CA GLN B 217 -13.69 26.48 10.10
C GLN B 217 -14.02 26.11 8.64
N ALA B 218 -15.17 25.46 8.46
CA ALA B 218 -15.57 24.88 7.18
C ALA B 218 -16.46 25.83 6.38
N ALA B 219 -16.15 26.01 5.10
CA ALA B 219 -16.80 27.07 4.32
C ALA B 219 -18.09 26.60 3.62
N PRO B 220 -19.09 27.48 3.47
CA PRO B 220 -20.29 27.01 2.76
C PRO B 220 -20.03 26.49 1.37
N LYS B 221 -20.43 25.26 1.09
CA LYS B 221 -20.31 24.68 -0.24
C LYS B 221 -21.13 25.37 -1.33
N GLU B 222 -22.30 25.92 -0.99
CA GLU B 222 -23.10 26.52 -2.07
C GLU B 222 -22.41 27.77 -2.60
N GLU B 223 -21.68 28.44 -1.70
CA GLU B 223 -21.00 29.71 -2.02
C GLU B 223 -19.69 29.57 -2.81
N CYS B 224 -18.93 28.56 -2.39
CA CYS B 224 -17.71 28.16 -3.02
C CYS B 224 -17.98 27.77 -4.45
N ALA B 225 -18.98 26.91 -4.62
CA ALA B 225 -19.49 26.58 -5.93
C ALA B 225 -19.53 27.81 -6.84
N LEU B 226 -20.23 28.86 -6.40
CA LEU B 226 -20.46 30.02 -7.27
C LEU B 226 -19.16 30.77 -7.53
N GLU B 227 -18.32 30.87 -6.48
CA GLU B 227 -17.04 31.52 -6.59
C GLU B 227 -16.24 30.92 -7.75
N ILE B 228 -16.14 29.59 -7.76
CA ILE B 228 -15.58 28.88 -8.89
C ILE B 228 -16.16 29.32 -10.28
N ILE B 229 -17.50 29.38 -10.43
CA ILE B 229 -18.09 29.78 -11.70
C ILE B 229 -17.66 31.20 -12.04
N LYS B 230 -18.05 32.13 -11.16
CA LYS B 230 -17.65 33.53 -11.25
C LYS B 230 -16.24 33.69 -11.77
N GLY B 231 -15.31 32.96 -11.16
CA GLY B 231 -13.88 33.15 -11.43
C GLY B 231 -13.53 32.77 -12.85
N GLY B 232 -14.03 31.59 -13.22
CA GLY B 232 -13.82 31.02 -14.52
C GLY B 232 -14.50 31.87 -15.56
N ALA B 233 -15.71 32.34 -15.24
CA ALA B 233 -16.45 33.19 -16.17
C ALA B 233 -15.72 34.56 -16.44
N LEU B 234 -15.01 35.09 -15.44
CA LEU B 234 -14.22 36.32 -15.55
C LEU B 234 -12.85 36.06 -16.11
N ARG B 235 -12.58 34.81 -16.53
CA ARG B 235 -11.30 34.42 -17.14
C ARG B 235 -10.11 34.68 -16.23
N GLN B 236 -10.35 34.55 -14.92
CA GLN B 236 -9.36 34.79 -13.87
C GLN B 236 -8.32 33.69 -13.80
N GLU B 237 -7.08 34.07 -13.71
CA GLU B 237 -6.06 33.06 -13.57
C GLU B 237 -6.28 32.17 -12.37
N GLU B 238 -6.65 32.77 -11.24
CA GLU B 238 -6.92 32.02 -9.99
C GLU B 238 -7.97 32.57 -9.01
N VAL B 239 -8.47 31.64 -8.20
CA VAL B 239 -9.58 31.83 -7.30
C VAL B 239 -9.12 31.25 -5.99
N TYR B 240 -9.12 32.05 -4.93
CA TYR B 240 -8.79 31.54 -3.60
C TYR B 240 -10.05 31.58 -2.81
N TYR B 241 -10.37 30.49 -2.10
CA TYR B 241 -11.63 30.44 -1.37
C TYR B 241 -11.59 29.64 -0.12
N ASP B 242 -11.43 30.36 0.99
CA ASP B 242 -11.22 29.78 2.31
C ASP B 242 -11.92 30.64 3.37
N SER B 243 -12.30 30.05 4.50
CA SER B 243 -13.04 30.85 5.48
C SER B 243 -12.09 31.77 6.20
N SER B 244 -11.02 31.20 6.77
CA SER B 244 -9.96 32.01 7.41
C SER B 244 -9.45 33.19 6.59
N LEU B 245 -9.08 34.22 7.34
CA LEU B 245 -8.65 35.50 6.82
C LEU B 245 -7.13 35.38 6.58
N TRP B 246 -6.42 34.86 7.58
CA TRP B 246 -5.00 34.75 7.44
C TRP B 246 -4.65 33.96 6.16
N THR B 247 -5.31 32.81 5.95
CA THR B 247 -5.07 32.01 4.76
C THR B 247 -5.23 32.80 3.48
N THR B 248 -6.34 33.50 3.32
CA THR B 248 -6.52 34.14 2.05
C THR B 248 -5.33 35.09 1.82
N LEU B 249 -5.01 35.90 2.81
CA LEU B 249 -3.80 36.71 2.76
C LEU B 249 -2.57 35.85 2.43
N LEU B 250 -2.28 34.89 3.33
CA LEU B 250 -1.05 34.09 3.31
C LEU B 250 -0.84 33.12 2.15
N ILE B 251 -1.92 32.72 1.52
CA ILE B 251 -1.87 31.75 0.44
C ILE B 251 -1.30 32.27 -0.88
N ARG B 252 -1.37 33.58 -1.13
CA ARG B 252 -0.90 34.13 -2.43
C ARG B 252 0.61 34.14 -2.55
N ASN B 253 1.17 33.71 -3.68
CA ASN B 253 2.62 33.85 -3.86
C ASN B 253 3.03 34.94 -4.85
N PRO B 254 3.30 36.15 -4.39
CA PRO B 254 3.65 37.22 -5.35
C PRO B 254 5.09 37.17 -5.94
N SER B 255 6.02 36.55 -5.23
CA SER B 255 7.33 36.37 -5.83
C SER B 255 7.31 35.34 -6.98
N ARG B 256 6.48 34.30 -6.87
CA ARG B 256 6.20 33.50 -8.07
C ARG B 256 5.82 34.41 -9.26
N LYS B 257 4.85 35.32 -9.07
CA LYS B 257 4.47 36.24 -10.18
C LYS B 257 5.59 37.06 -10.89
N ILE B 258 6.47 37.63 -10.06
CA ILE B 258 7.64 38.43 -10.48
C ILE B 258 8.72 37.53 -11.08
N LEU B 259 9.04 36.49 -10.36
CA LEU B 259 10.02 35.56 -10.76
C LEU B 259 9.68 35.08 -12.16
N GLU B 260 8.40 34.86 -12.39
CA GLU B 260 7.96 34.49 -13.71
C GLU B 260 8.17 35.59 -14.75
N PHE B 261 7.97 36.86 -14.41
CA PHE B 261 8.26 37.85 -15.41
C PHE B 261 9.72 37.86 -15.78
N LEU B 262 10.59 37.84 -14.80
CA LEU B 262 12.00 37.96 -15.18
C LEU B 262 12.35 36.81 -16.12
N TYR B 263 12.44 35.59 -15.60
CA TYR B 263 12.57 34.41 -16.47
C TYR B 263 11.83 34.54 -17.80
N SER B 264 10.68 35.22 -17.83
CA SER B 264 10.00 35.49 -19.13
C SER B 264 10.88 36.23 -20.18
N GLU C 9 14.11 -36.60 26.92
CA GLU C 9 15.34 -37.21 27.53
C GLU C 9 16.47 -36.20 27.33
N PHE C 10 16.15 -34.93 27.62
CA PHE C 10 17.06 -33.82 27.28
C PHE C 10 18.24 -33.62 28.23
N ARG C 11 19.43 -33.61 27.66
CA ARG C 11 20.62 -33.27 28.42
C ARG C 11 21.30 -32.06 27.76
N PRO C 12 21.68 -31.06 28.59
CA PRO C 12 22.37 -29.78 28.31
C PRO C 12 23.53 -29.83 27.33
N GLU C 13 24.43 -30.80 27.46
CA GLU C 13 25.56 -31.01 26.52
C GLU C 13 25.18 -31.19 25.09
N MET C 14 23.88 -31.33 24.81
CA MET C 14 23.33 -31.39 23.45
C MET C 14 23.39 -30.04 22.74
N LEU C 15 23.64 -28.98 23.49
CA LEU C 15 23.75 -27.65 22.90
C LEU C 15 25.11 -27.04 22.94
N GLN C 16 26.02 -27.63 23.71
CA GLN C 16 27.28 -26.94 23.90
C GLN C 16 27.99 -26.88 22.56
N GLY C 17 28.38 -25.66 22.20
CA GLY C 17 29.13 -25.45 21.00
C GLY C 17 28.30 -25.34 19.77
N LYS C 18 26.98 -25.42 19.94
CA LYS C 18 26.03 -25.29 18.82
C LYS C 18 25.88 -23.81 18.47
N LYS C 19 25.78 -23.52 17.18
CA LYS C 19 25.66 -22.18 16.68
C LYS C 19 24.18 -21.77 16.61
N VAL C 20 23.65 -21.09 17.62
CA VAL C 20 22.24 -20.74 17.59
C VAL C 20 21.93 -19.22 17.56
N ILE C 21 21.02 -18.84 16.67
CA ILE C 21 20.43 -17.51 16.61
C ILE C 21 19.18 -17.44 17.47
N VAL C 22 19.05 -16.40 18.31
CA VAL C 22 17.78 -16.10 18.99
C VAL C 22 17.29 -14.73 18.61
N THR C 23 16.05 -14.63 18.14
CA THR C 23 15.59 -13.32 17.76
C THR C 23 14.58 -12.86 18.77
N GLY C 24 14.49 -11.56 19.01
CA GLY C 24 13.50 -11.09 19.95
C GLY C 24 14.10 -11.40 21.28
N ALA C 25 15.39 -11.08 21.44
CA ALA C 25 16.08 -11.55 22.64
C ALA C 25 16.46 -10.46 23.62
N SER C 26 16.02 -9.23 23.37
CA SER C 26 16.26 -8.12 24.31
C SER C 26 15.59 -8.42 25.65
N LYS C 27 14.48 -9.14 25.58
CA LYS C 27 13.65 -9.39 26.73
C LYS C 27 12.83 -10.70 26.61
N GLY C 28 12.12 -11.02 27.68
CA GLY C 28 11.08 -12.02 27.70
C GLY C 28 11.67 -13.36 27.40
N ILE C 29 10.80 -14.26 26.96
CA ILE C 29 11.14 -15.58 26.50
C ILE C 29 12.41 -15.64 25.64
N GLY C 30 12.53 -14.74 24.66
CA GLY C 30 13.76 -14.63 23.85
C GLY C 30 14.99 -14.60 24.76
N ARG C 31 15.04 -13.60 25.64
CA ARG C 31 16.17 -13.37 26.55
C ARG C 31 16.41 -14.58 27.46
N GLU C 32 15.35 -15.17 28.03
CA GLU C 32 15.53 -16.38 28.79
C GLU C 32 16.23 -17.50 27.98
N MET C 33 15.82 -17.65 26.72
CA MET C 33 16.41 -18.63 25.83
C MET C 33 17.90 -18.34 25.70
N ALA C 34 18.27 -17.13 25.29
CA ALA C 34 19.65 -16.74 25.21
C ALA C 34 20.43 -17.27 26.41
N TYR C 35 19.83 -17.03 27.59
CA TYR C 35 20.47 -17.28 28.86
C TYR C 35 20.67 -18.73 29.08
N HIS C 36 19.69 -19.54 28.71
CA HIS C 36 19.84 -20.97 28.91
C HIS C 36 20.92 -21.50 27.98
N LEU C 37 20.94 -20.90 26.78
CA LEU C 37 21.88 -21.27 25.78
C LEU C 37 23.28 -20.90 26.24
N ALA C 38 23.40 -19.80 26.96
CA ALA C 38 24.72 -19.41 27.35
C ALA C 38 25.18 -20.43 28.40
N LYS C 39 24.26 -20.72 29.34
CA LYS C 39 24.53 -21.61 30.47
C LYS C 39 24.90 -23.01 29.99
N MET C 40 24.54 -23.31 28.75
CA MET C 40 24.83 -24.59 28.16
C MET C 40 26.10 -24.53 27.30
N GLY C 41 26.74 -23.39 27.25
CA GLY C 41 27.85 -23.25 26.31
C GLY C 41 27.54 -23.26 24.80
N ALA C 42 26.35 -22.82 24.40
CA ALA C 42 26.02 -22.62 22.98
C ALA C 42 26.73 -21.38 22.54
N HIS C 43 27.07 -21.26 21.26
CA HIS C 43 27.41 -19.97 20.63
C HIS C 43 26.10 -19.27 20.26
N VAL C 44 25.87 -18.06 20.75
CA VAL C 44 24.55 -17.47 20.67
C VAL C 44 24.64 -16.08 20.05
N VAL C 45 24.05 -15.88 18.87
CA VAL C 45 23.89 -14.52 18.33
C VAL C 45 22.45 -14.07 18.60
N VAL C 46 22.29 -13.01 19.40
CA VAL C 46 20.96 -12.46 19.73
C VAL C 46 20.63 -11.15 18.97
N THR C 47 19.34 -10.97 18.70
CA THR C 47 18.85 -9.79 17.94
C THR C 47 17.55 -9.25 18.49
N ALA C 48 17.39 -7.94 18.30
CA ALA C 48 16.22 -7.14 18.69
C ALA C 48 16.46 -5.71 18.25
N ARG C 49 15.61 -4.78 18.67
CA ARG C 49 15.88 -3.38 18.27
C ARG C 49 16.82 -2.66 19.24
N SER C 50 16.62 -2.91 20.54
CA SER C 50 17.27 -2.16 21.62
C SER C 50 18.70 -2.61 21.88
N LYS C 51 19.63 -1.84 21.37
CA LYS C 51 21.01 -2.28 21.34
C LYS C 51 21.70 -2.26 22.72
N GLU C 52 21.35 -1.29 23.55
CA GLU C 52 21.96 -1.13 24.86
C GLU C 52 21.64 -2.38 25.69
N THR C 53 20.43 -2.90 25.51
CA THR C 53 19.95 -3.98 26.37
C THR C 53 20.45 -5.34 25.88
N LEU C 54 20.51 -5.48 24.57
CA LEU C 54 21.16 -6.64 23.99
C LEU C 54 22.58 -6.74 24.56
N GLN C 55 23.32 -5.62 24.58
CA GLN C 55 24.74 -5.60 25.06
C GLN C 55 24.80 -6.16 26.48
N LYS C 56 23.79 -5.82 27.27
CA LYS C 56 23.60 -6.34 28.59
C LYS C 56 23.36 -7.86 28.52
N VAL C 57 22.54 -8.30 27.56
CA VAL C 57 22.26 -9.72 27.40
C VAL C 57 23.55 -10.43 26.94
N VAL C 58 24.30 -9.79 26.06
CA VAL C 58 25.55 -10.37 25.55
C VAL C 58 26.61 -10.48 26.67
N SER C 59 26.71 -9.47 27.55
CA SER C 59 27.59 -9.57 28.74
C SER C 59 27.22 -10.72 29.67
N HIS C 60 25.95 -10.77 30.06
CA HIS C 60 25.46 -11.79 30.95
C HIS C 60 25.57 -13.17 30.36
N CYS C 61 25.45 -13.26 29.04
CA CYS C 61 25.56 -14.54 28.34
C CYS C 61 26.96 -15.07 28.45
N LEU C 62 27.95 -14.22 28.10
CA LEU C 62 29.39 -14.52 28.29
C LEU C 62 29.71 -14.98 29.72
N GLU C 63 29.21 -14.26 30.73
CA GLU C 63 29.43 -14.63 32.12
C GLU C 63 28.95 -16.02 32.34
N LEU C 64 27.83 -16.35 31.71
CA LEU C 64 27.12 -17.55 32.09
C LEU C 64 27.82 -18.72 31.49
N GLY C 65 28.58 -18.47 30.42
CA GLY C 65 29.40 -19.50 29.80
C GLY C 65 29.08 -19.77 28.34
N ALA C 66 28.38 -18.86 27.68
CA ALA C 66 28.34 -18.95 26.24
C ALA C 66 29.73 -19.28 25.72
N ALA C 67 29.81 -20.15 24.72
CA ALA C 67 31.09 -20.32 24.05
C ALA C 67 31.55 -19.02 23.32
N SER C 68 30.57 -18.18 22.99
CA SER C 68 30.70 -17.08 22.01
C SER C 68 29.37 -16.32 22.11
N ALA C 69 29.36 -15.00 22.12
CA ALA C 69 28.04 -14.34 22.17
C ALA C 69 27.99 -12.95 21.50
N HIS C 70 27.05 -12.76 20.59
CA HIS C 70 27.01 -11.56 19.79
C HIS C 70 25.59 -11.01 19.58
N TYR C 71 25.45 -9.70 19.57
CA TYR C 71 24.18 -9.13 19.15
C TYR C 71 24.38 -8.29 17.90
N ILE C 72 23.28 -8.07 17.17
CA ILE C 72 23.21 -7.16 16.04
C ILE C 72 21.84 -6.49 16.13
N ALA C 73 21.79 -5.20 16.46
CA ALA C 73 20.51 -4.57 16.67
C ALA C 73 19.96 -4.19 15.32
N GLY C 74 18.63 -4.34 15.17
CA GLY C 74 17.98 -4.11 13.91
C GLY C 74 16.48 -4.30 14.08
N THR C 75 15.74 -4.06 13.00
CA THR C 75 14.31 -4.16 13.07
C THR C 75 13.77 -5.03 11.97
N MET C 76 12.97 -6.01 12.37
CA MET C 76 12.44 -6.97 11.43
C MET C 76 11.36 -6.43 10.50
N GLU C 77 11.04 -5.13 10.52
CA GLU C 77 10.14 -4.59 9.47
C GLU C 77 10.95 -4.39 8.20
N ASP C 78 12.25 -4.16 8.37
CA ASP C 78 13.19 -4.17 7.25
C ASP C 78 13.57 -5.58 6.77
N MET C 79 12.92 -6.07 5.69
CA MET C 79 13.29 -7.39 5.13
C MET C 79 14.76 -7.45 4.75
N THR C 80 15.33 -6.35 4.33
CA THR C 80 16.73 -6.41 4.00
C THR C 80 17.58 -6.60 5.28
N PHE C 81 17.29 -5.90 6.37
CA PHE C 81 17.95 -6.26 7.63
C PHE C 81 17.86 -7.79 7.98
N ALA C 82 16.66 -8.35 7.89
CA ALA C 82 16.40 -9.76 8.09
C ALA C 82 17.42 -10.63 7.42
N GLU C 83 17.63 -10.42 6.13
CA GLU C 83 18.52 -11.26 5.35
C GLU C 83 19.97 -10.95 5.64
N GLN C 84 20.32 -9.68 5.81
CA GLN C 84 21.69 -9.40 6.20
C GLN C 84 22.08 -10.00 7.56
N PHE C 85 21.25 -9.76 8.57
CA PHE C 85 21.42 -10.35 9.89
C PHE C 85 21.73 -11.87 9.97
N VAL C 86 21.04 -12.66 9.15
CA VAL C 86 21.26 -14.10 9.14
C VAL C 86 22.64 -14.37 8.55
N ALA C 87 23.03 -13.66 7.46
CA ALA C 87 24.41 -13.77 6.92
C ALA C 87 25.47 -13.40 7.95
N GLN C 88 25.23 -12.32 8.68
CA GLN C 88 26.23 -11.80 9.61
C GLN C 88 26.43 -12.74 10.77
N ALA C 89 25.31 -13.19 11.33
CA ALA C 89 25.25 -14.19 12.40
C ALA C 89 26.02 -15.48 12.07
N GLY C 90 25.80 -16.02 10.88
CA GLY C 90 26.59 -17.17 10.43
C GLY C 90 28.11 -16.95 10.32
N LYS C 91 28.54 -15.71 10.01
CA LYS C 91 29.98 -15.42 9.92
C LYS C 91 30.56 -15.43 11.32
N LEU C 92 29.95 -14.73 12.27
CA LEU C 92 30.53 -14.71 13.60
C LEU C 92 30.65 -16.11 14.26
N MET C 93 29.88 -17.07 13.76
CA MET C 93 29.77 -18.38 14.40
C MET C 93 30.34 -19.49 13.46
N GLY C 94 30.58 -19.18 12.18
CA GLY C 94 31.08 -20.14 11.23
C GLY C 94 30.08 -21.21 10.89
N GLY C 95 28.84 -20.82 10.58
CA GLY C 95 27.75 -21.83 10.40
C GLY C 95 26.62 -21.61 11.41
N LEU C 96 25.55 -22.40 11.33
CA LEU C 96 24.39 -22.20 12.18
C LEU C 96 23.69 -23.51 12.38
N ASP C 97 23.20 -23.81 13.59
CA ASP C 97 22.61 -25.13 13.84
C ASP C 97 21.14 -25.01 14.16
N MET C 98 20.79 -23.95 14.89
CA MET C 98 19.40 -23.73 15.26
C MET C 98 19.01 -22.27 15.05
N LEU C 99 17.84 -22.09 14.44
CA LEU C 99 17.29 -20.76 14.18
C LEU C 99 15.97 -20.65 14.93
N ILE C 100 15.97 -19.75 15.91
CA ILE C 100 14.85 -19.57 16.85
C ILE C 100 14.13 -18.25 16.60
N LEU C 101 12.96 -18.35 15.96
CA LEU C 101 12.18 -17.17 15.57
C LEU C 101 11.18 -16.85 16.66
N ASN C 102 11.42 -15.78 17.40
CA ASN C 102 10.68 -15.53 18.63
C ASN C 102 10.13 -14.12 18.65
N HIS C 103 10.76 -13.22 17.90
CA HIS C 103 10.33 -11.84 17.88
C HIS C 103 8.92 -11.69 17.34
N ILE C 104 8.22 -10.67 17.85
CA ILE C 104 6.89 -10.19 17.44
C ILE C 104 6.76 -8.63 17.55
N THR C 105 5.90 -8.04 16.73
CA THR C 105 5.65 -6.60 16.80
C THR C 105 4.63 -6.32 17.87
N ASN C 106 4.84 -5.22 18.57
CA ASN C 106 3.88 -4.79 19.57
C ASN C 106 2.38 -4.90 19.16
N THR C 107 1.66 -5.73 19.93
CA THR C 107 0.20 -5.70 19.88
C THR C 107 -0.39 -5.49 21.28
N SER C 108 -1.70 -5.30 21.35
CA SER C 108 -2.42 -5.33 22.62
C SER C 108 -3.79 -5.95 22.45
N LEU C 109 -4.44 -6.22 23.57
CA LEU C 109 -5.84 -6.66 23.52
C LEU C 109 -6.75 -5.50 23.10
N ASN C 110 -7.58 -5.74 22.11
CA ASN C 110 -8.56 -4.78 21.62
C ASN C 110 -9.48 -5.45 20.67
N LEU C 111 -10.67 -4.92 20.56
CA LEU C 111 -11.52 -5.28 19.44
C LEU C 111 -10.95 -4.76 18.13
N PHE C 112 -11.15 -5.50 17.07
CA PHE C 112 -10.84 -5.01 15.77
C PHE C 112 -11.93 -4.06 15.27
N HIS C 113 -11.58 -2.83 14.92
CA HIS C 113 -12.52 -1.99 14.14
C HIS C 113 -12.03 -1.66 12.76
N ASP C 114 -10.88 -1.01 12.63
CA ASP C 114 -10.37 -0.85 11.27
C ASP C 114 -8.89 -0.62 11.15
N ASP C 115 -8.12 -1.27 12.02
CA ASP C 115 -6.66 -1.08 12.01
C ASP C 115 -5.89 -1.97 11.01
N ILE C 116 -6.07 -1.70 9.73
CA ILE C 116 -5.47 -2.45 8.66
C ILE C 116 -3.95 -2.36 8.72
N HIS C 117 -3.44 -1.21 9.16
CA HIS C 117 -2.00 -1.08 9.30
C HIS C 117 -1.61 -2.10 10.33
N HIS C 118 -2.41 -2.21 11.38
CA HIS C 118 -1.97 -3.04 12.43
C HIS C 118 -1.98 -4.50 11.99
N VAL C 119 -3.05 -4.93 11.33
CA VAL C 119 -3.06 -6.24 10.70
C VAL C 119 -1.84 -6.49 9.77
N ARG C 120 -1.46 -5.49 8.98
CA ARG C 120 -0.44 -5.68 7.96
C ARG C 120 0.91 -5.79 8.63
N LYS C 121 1.14 -4.88 9.58
CA LYS C 121 2.40 -4.80 10.27
C LYS C 121 2.57 -6.10 11.05
N SER C 122 1.49 -6.58 11.68
CA SER C 122 1.54 -7.87 12.33
C SER C 122 1.97 -9.01 11.40
N MET C 123 1.53 -9.01 10.14
CA MET C 123 1.90 -10.04 9.21
C MET C 123 3.35 -9.94 8.74
N GLU C 124 3.77 -8.70 8.51
CA GLU C 124 5.12 -8.37 8.13
C GLU C 124 6.14 -8.77 9.19
N VAL C 125 5.92 -8.43 10.46
CA VAL C 125 6.94 -8.70 11.49
C VAL C 125 6.72 -10.09 12.01
N ASN C 126 5.50 -10.43 12.36
CA ASN C 126 5.24 -11.67 13.03
C ASN C 126 5.30 -12.88 12.15
N PHE C 127 5.25 -12.69 10.85
CA PHE C 127 5.11 -13.86 9.97
C PHE C 127 6.06 -13.78 8.79
N LEU C 128 5.87 -12.75 7.97
CA LEU C 128 6.72 -12.53 6.82
C LEU C 128 8.23 -12.57 7.13
N SER C 129 8.63 -11.84 8.17
CA SER C 129 10.04 -11.76 8.49
C SER C 129 10.62 -13.11 8.89
N TYR C 130 9.77 -14.02 9.41
CA TYR C 130 10.19 -15.38 9.77
C TYR C 130 10.56 -16.13 8.52
N VAL C 131 9.73 -16.01 7.49
CA VAL C 131 10.00 -16.60 6.19
C VAL C 131 11.29 -16.02 5.57
N VAL C 132 11.51 -14.73 5.75
CA VAL C 132 12.72 -14.16 5.17
C VAL C 132 13.99 -14.71 5.89
N LEU C 133 13.98 -14.68 7.22
CA LEU C 133 15.02 -15.21 8.05
C LEU C 133 15.35 -16.65 7.66
N THR C 134 14.29 -17.41 7.40
CA THR C 134 14.42 -18.83 7.15
C THR C 134 15.14 -18.99 5.86
N VAL C 135 14.59 -18.41 4.79
CA VAL C 135 15.22 -18.52 3.47
C VAL C 135 16.74 -18.28 3.58
N ALA C 136 17.10 -17.26 4.35
CA ALA C 136 18.47 -16.84 4.49
C ALA C 136 19.33 -17.87 5.27
N ALA C 137 18.78 -18.44 6.34
CA ALA C 137 19.40 -19.42 7.20
C ALA C 137 19.45 -20.81 6.55
N LEU C 138 18.69 -21.04 5.51
CA LEU C 138 18.55 -22.44 5.13
C LEU C 138 19.83 -23.05 4.55
N PRO C 139 20.51 -22.32 3.63
CA PRO C 139 21.78 -22.90 3.15
C PRO C 139 22.63 -23.41 4.31
N MET C 140 22.87 -22.59 5.32
CA MET C 140 23.54 -23.05 6.54
C MET C 140 22.81 -24.11 7.41
N LEU C 141 21.48 -24.08 7.49
CA LEU C 141 20.82 -25.15 8.20
C LEU C 141 20.88 -26.45 7.44
N LYS C 142 20.80 -26.43 6.12
CA LYS C 142 20.88 -27.69 5.40
C LYS C 142 22.26 -28.39 5.60
N GLN C 143 23.33 -27.60 5.54
CA GLN C 143 24.67 -28.05 5.86
C GLN C 143 24.82 -28.73 7.19
N SER C 144 24.39 -28.03 8.22
CA SER C 144 24.47 -28.58 9.53
C SER C 144 23.37 -29.58 9.82
N ASN C 145 22.49 -29.87 8.88
CA ASN C 145 21.24 -30.60 9.26
C ASN C 145 20.59 -30.04 10.54
N GLY C 146 20.40 -28.72 10.58
CA GLY C 146 19.98 -28.05 11.76
C GLY C 146 18.50 -28.04 12.07
N SER C 147 18.06 -26.98 12.73
CA SER C 147 16.66 -26.91 13.17
C SER C 147 16.04 -25.52 13.11
N ILE C 148 14.81 -25.42 12.61
CA ILE C 148 14.05 -24.17 12.73
C ILE C 148 13.09 -24.29 13.89
N VAL C 149 13.17 -23.32 14.82
CA VAL C 149 12.26 -23.25 15.97
C VAL C 149 11.42 -22.00 15.85
N VAL C 150 10.10 -22.21 15.81
CA VAL C 150 9.09 -21.16 15.53
C VAL C 150 8.10 -21.00 16.68
N VAL C 151 8.19 -19.91 17.39
CA VAL C 151 7.42 -19.70 18.58
C VAL C 151 6.09 -19.12 18.21
N SER C 152 5.04 -19.86 18.56
CA SER C 152 3.65 -19.47 18.33
C SER C 152 2.83 -19.53 19.66
N SER C 153 1.51 -19.64 19.55
CA SER C 153 0.68 -19.40 20.72
C SER C 153 -0.54 -20.24 20.59
N LEU C 154 -1.31 -20.33 21.68
CA LEU C 154 -2.69 -20.83 21.63
C LEU C 154 -3.48 -20.09 20.61
N ALA C 155 -3.44 -18.75 20.63
CA ALA C 155 -4.12 -17.88 19.63
C ALA C 155 -3.72 -18.22 18.20
N GLY C 156 -2.65 -19.01 18.04
CA GLY C 156 -2.30 -19.58 16.77
C GLY C 156 -2.82 -20.97 16.49
N LYS C 157 -3.35 -21.69 17.45
CA LYS C 157 -4.09 -22.93 17.15
C LYS C 157 -5.57 -22.84 17.35
N VAL C 158 -6.05 -21.88 18.12
CA VAL C 158 -7.48 -21.70 18.23
C VAL C 158 -7.75 -20.23 18.39
N ALA C 159 -9.03 -19.82 18.24
CA ALA C 159 -9.45 -18.41 18.12
C ALA C 159 -9.70 -17.78 19.47
N TYR C 160 -9.47 -16.48 19.52
CA TYR C 160 -9.46 -15.68 20.71
C TYR C 160 -9.84 -14.25 20.36
N PRO C 161 -10.82 -13.65 21.09
CA PRO C 161 -11.07 -12.24 20.79
C PRO C 161 -9.95 -11.28 21.25
N MET C 162 -9.91 -10.12 20.62
CA MET C 162 -9.04 -9.06 21.01
C MET C 162 -7.65 -9.13 20.39
N VAL C 163 -7.35 -10.24 19.69
CA VAL C 163 -6.03 -10.49 19.13
C VAL C 163 -6.09 -10.93 17.64
N ALA C 164 -7.09 -10.45 16.91
CA ALA C 164 -7.30 -10.82 15.53
C ALA C 164 -6.07 -10.68 14.61
N ALA C 165 -5.43 -9.52 14.58
CA ALA C 165 -4.20 -9.38 13.77
C ALA C 165 -3.17 -10.38 14.20
N TYR C 166 -2.92 -10.44 15.50
CA TYR C 166 -1.98 -11.38 16.08
C TYR C 166 -2.23 -12.86 15.75
N SER C 167 -3.38 -13.39 16.13
CA SER C 167 -3.61 -14.78 15.79
C SER C 167 -3.58 -15.04 14.26
N ALA C 168 -4.04 -14.07 13.45
CA ALA C 168 -3.95 -14.17 12.01
C ALA C 168 -2.51 -14.55 11.68
N SER C 169 -1.59 -13.75 12.20
CA SER C 169 -0.21 -13.99 11.96
C SER C 169 0.24 -15.26 12.60
N LYS C 170 -0.35 -15.66 13.77
CA LYS C 170 0.09 -16.98 14.24
C LYS C 170 -0.41 -18.10 13.34
N PHE C 171 -1.68 -18.08 12.99
CA PHE C 171 -2.22 -19.10 12.15
C PHE C 171 -1.38 -19.17 10.89
N ALA C 172 -0.95 -18.00 10.39
CA ALA C 172 -0.19 -18.01 9.13
C ALA C 172 1.08 -18.88 9.27
N LEU C 173 1.79 -18.74 10.39
CA LEU C 173 2.99 -19.52 10.69
C LEU C 173 2.75 -21.03 10.59
N ASP C 174 1.73 -21.47 11.30
CA ASP C 174 1.41 -22.88 11.25
C ASP C 174 1.11 -23.22 9.81
N GLY C 175 0.43 -22.35 9.09
CA GLY C 175 0.11 -22.75 7.70
C GLY C 175 1.35 -22.91 6.86
N PHE C 176 2.22 -21.91 6.96
CA PHE C 176 3.42 -21.83 6.13
C PHE C 176 4.44 -22.87 6.58
N PHE C 177 4.85 -22.84 7.83
CA PHE C 177 5.87 -23.77 8.29
C PHE C 177 5.50 -25.25 8.29
N SER C 178 4.22 -25.55 8.54
CA SER C 178 3.81 -26.96 8.49
C SER C 178 3.82 -27.52 7.08
N SER C 179 3.65 -26.65 6.10
CA SER C 179 3.53 -27.06 4.74
C SER C 179 4.95 -27.20 4.28
N ILE C 180 5.82 -26.28 4.64
CA ILE C 180 7.21 -26.56 4.28
C ILE C 180 7.83 -27.77 5.01
N ARG C 181 7.46 -28.04 6.28
CA ARG C 181 7.92 -29.30 6.86
C ARG C 181 7.68 -30.46 5.90
N LYS C 182 6.51 -30.52 5.29
CA LYS C 182 6.27 -31.63 4.36
C LYS C 182 7.03 -31.56 3.04
N GLU C 183 7.39 -30.37 2.59
CA GLU C 183 8.25 -30.30 1.43
C GLU C 183 9.65 -30.68 1.82
N TYR C 184 10.11 -30.26 3.00
CA TYR C 184 11.43 -30.65 3.51
C TYR C 184 11.55 -32.12 3.60
N SER C 185 10.45 -32.77 3.99
CA SER C 185 10.40 -34.20 4.06
C SER C 185 10.65 -34.75 2.63
N VAL C 186 9.65 -34.62 1.77
CA VAL C 186 9.81 -34.87 0.34
C VAL C 186 11.18 -34.51 -0.32
N SER C 187 11.75 -33.34 -0.09
CA SER C 187 12.99 -33.02 -0.82
C SER C 187 14.19 -33.46 -0.01
N ARG C 188 13.98 -34.36 0.93
CA ARG C 188 15.06 -34.82 1.79
C ARG C 188 15.96 -33.69 2.30
N VAL C 189 15.31 -32.59 2.74
CA VAL C 189 15.99 -31.44 3.35
C VAL C 189 16.03 -31.70 4.82
N ASN C 190 17.20 -32.00 5.33
CA ASN C 190 17.18 -32.71 6.58
C ASN C 190 17.27 -31.71 7.73
N VAL C 191 16.26 -30.85 7.75
CA VAL C 191 16.17 -29.73 8.71
C VAL C 191 14.85 -29.81 9.37
N SER C 192 14.89 -29.86 10.69
CA SER C 192 13.68 -29.92 11.47
C SER C 192 13.08 -28.55 11.64
N ILE C 193 11.76 -28.52 11.67
CA ILE C 193 10.99 -27.34 11.98
C ILE C 193 10.19 -27.70 13.22
N THR C 194 10.25 -26.90 14.29
CA THR C 194 9.47 -27.12 15.51
C THR C 194 8.52 -25.95 15.78
N LEU C 195 7.23 -26.24 16.00
CA LEU C 195 6.26 -25.18 16.32
C LEU C 195 5.92 -25.19 17.80
N CYS C 196 6.07 -24.04 18.43
CA CYS C 196 5.77 -23.96 19.85
C CYS C 196 4.49 -23.19 20.10
N VAL C 197 3.59 -23.87 20.76
CA VAL C 197 2.31 -23.35 21.14
C VAL C 197 2.31 -22.94 22.64
N LEU C 198 2.41 -21.64 22.93
CA LEU C 198 2.39 -21.07 24.29
C LEU C 198 1.00 -20.60 24.88
N GLY C 199 0.70 -21.09 26.07
CA GLY C 199 -0.29 -20.42 26.88
C GLY C 199 0.22 -19.05 27.29
N LEU C 200 -0.40 -18.43 28.27
CA LEU C 200 0.14 -17.17 28.78
C LEU C 200 1.39 -17.40 29.65
N ILE C 201 2.40 -16.57 29.42
CA ILE C 201 3.68 -16.65 30.11
C ILE C 201 3.91 -15.33 30.80
N ASP C 202 4.64 -15.31 31.91
CA ASP C 202 4.65 -14.14 32.77
C ASP C 202 5.65 -13.04 32.40
N THR C 203 5.79 -12.79 31.11
CA THR C 203 6.57 -11.66 30.66
C THR C 203 5.90 -10.34 31.06
N GLU C 204 6.68 -9.27 31.09
CA GLU C 204 6.19 -7.95 31.30
C GLU C 204 5.25 -7.61 30.20
N THR C 205 5.64 -7.89 28.97
CA THR C 205 4.80 -7.48 27.89
C THR C 205 3.43 -8.12 28.00
N ALA C 206 3.38 -9.41 28.30
CA ALA C 206 2.09 -10.08 28.49
C ALA C 206 1.36 -9.67 29.75
N MET C 207 2.05 -9.65 30.89
CA MET C 207 1.37 -9.23 32.13
C MET C 207 0.73 -7.87 31.97
N LYS C 208 1.49 -6.87 31.54
CA LYS C 208 0.89 -5.57 31.25
C LYS C 208 -0.30 -5.64 30.28
N ALA C 209 -0.10 -6.00 29.01
CA ALA C 209 -1.22 -6.19 28.02
C ALA C 209 -2.49 -6.98 28.46
N VAL C 210 -2.32 -7.94 29.34
CA VAL C 210 -3.39 -8.83 29.70
C VAL C 210 -3.98 -8.51 31.05
N SER C 211 -3.40 -7.51 31.71
CA SER C 211 -3.76 -7.23 33.12
C SER C 211 -5.17 -6.70 33.19
N GLY C 212 -5.99 -7.39 34.00
CA GLY C 212 -7.38 -7.03 34.25
C GLY C 212 -8.23 -7.13 33.00
N ILE C 213 -8.12 -8.30 32.36
CA ILE C 213 -8.85 -8.72 31.15
C ILE C 213 -8.81 -10.25 31.12
N VAL C 214 -7.61 -10.82 31.04
CA VAL C 214 -7.47 -12.28 30.98
C VAL C 214 -7.04 -12.85 32.32
N HIS C 215 -7.99 -13.47 32.99
CA HIS C 215 -7.82 -13.85 34.40
C HIS C 215 -7.42 -15.30 34.48
N MET C 216 -6.28 -15.63 33.87
CA MET C 216 -5.64 -16.93 34.07
C MET C 216 -4.29 -16.73 34.69
N GLN C 217 -3.49 -17.79 34.67
CA GLN C 217 -2.26 -17.87 35.44
C GLN C 217 -1.18 -18.03 34.42
N ALA C 218 -0.20 -17.13 34.43
CA ALA C 218 0.94 -17.27 33.55
C ALA C 218 1.76 -18.55 33.83
N ALA C 219 2.74 -18.83 32.97
CA ALA C 219 3.72 -19.81 33.33
C ALA C 219 5.03 -19.06 33.44
N PRO C 220 6.03 -19.65 34.09
CA PRO C 220 7.22 -18.85 34.19
C PRO C 220 8.03 -18.78 32.87
N LYS C 221 8.58 -17.60 32.56
CA LYS C 221 9.39 -17.48 31.36
C LYS C 221 10.58 -18.45 31.36
N GLU C 222 11.24 -18.59 32.48
CA GLU C 222 12.49 -19.33 32.44
C GLU C 222 12.26 -20.78 32.04
N GLU C 223 11.24 -21.39 32.63
CA GLU C 223 10.87 -22.76 32.26
C GLU C 223 10.39 -22.80 30.80
N CYS C 224 9.46 -21.93 30.45
CA CYS C 224 9.02 -21.81 29.05
C CYS C 224 10.21 -21.81 28.08
N ALA C 225 11.22 -21.00 28.37
CA ALA C 225 12.27 -20.80 27.37
C ALA C 225 13.10 -22.06 27.17
N LEU C 226 13.28 -22.84 28.23
CA LEU C 226 14.06 -24.07 28.20
C LEU C 226 13.26 -25.13 27.49
N GLU C 227 11.94 -25.09 27.62
CA GLU C 227 11.08 -26.08 27.02
C GLU C 227 11.04 -25.90 25.50
N ILE C 228 11.09 -24.66 25.04
CA ILE C 228 11.24 -24.43 23.62
C ILE C 228 12.55 -25.03 23.10
N ILE C 229 13.60 -24.87 23.90
CA ILE C 229 14.95 -25.24 23.53
C ILE C 229 14.95 -26.75 23.42
N LYS C 230 14.38 -27.43 24.41
CA LYS C 230 14.35 -28.90 24.38
C LYS C 230 13.65 -29.37 23.13
N GLY C 231 12.50 -28.75 22.83
CA GLY C 231 11.67 -29.07 21.68
C GLY C 231 12.48 -29.05 20.41
N GLY C 232 13.32 -28.04 20.27
CA GLY C 232 14.16 -27.87 19.09
C GLY C 232 15.34 -28.83 19.05
N ALA C 233 15.98 -29.04 20.20
CA ALA C 233 17.16 -29.90 20.27
C ALA C 233 16.78 -31.33 20.01
N LEU C 234 15.56 -31.68 20.41
CA LEU C 234 15.00 -33.01 20.15
C LEU C 234 14.42 -33.12 18.77
N ARG C 235 14.34 -31.99 18.05
CA ARG C 235 13.73 -31.95 16.69
C ARG C 235 12.25 -32.40 16.65
N GLN C 236 11.50 -32.07 17.70
CA GLN C 236 10.04 -32.27 17.78
C GLN C 236 9.29 -31.33 16.90
N GLU C 237 8.30 -31.86 16.22
CA GLU C 237 7.50 -31.06 15.32
C GLU C 237 6.67 -30.05 16.07
N GLU C 238 6.36 -30.30 17.34
CA GLU C 238 5.47 -29.40 18.11
C GLU C 238 5.71 -29.40 19.61
N VAL C 239 5.52 -28.26 20.23
CA VAL C 239 5.76 -28.14 21.65
C VAL C 239 4.58 -27.37 22.20
N TYR C 240 4.07 -27.83 23.31
CA TYR C 240 2.88 -27.26 23.88
C TYR C 240 3.28 -26.89 25.25
N TYR C 241 3.11 -25.64 25.63
CA TYR C 241 3.45 -25.29 26.98
C TYR C 241 2.48 -24.26 27.52
N ASP C 242 1.76 -24.70 28.53
CA ASP C 242 0.75 -23.92 29.17
C ASP C 242 0.54 -24.52 30.56
N SER C 243 -0.06 -23.74 31.44
CA SER C 243 -0.33 -24.13 32.82
C SER C 243 -1.39 -25.21 32.96
N SER C 244 -2.56 -25.01 32.35
CA SER C 244 -3.66 -25.98 32.51
C SER C 244 -3.34 -27.26 31.78
N LEU C 245 -3.84 -28.36 32.31
CA LEU C 245 -3.58 -29.62 31.70
C LEU C 245 -4.74 -29.89 30.74
N TRP C 246 -5.85 -29.16 30.91
CA TRP C 246 -6.96 -29.11 29.92
C TRP C 246 -6.45 -28.56 28.60
N THR C 247 -5.75 -27.45 28.67
CA THR C 247 -5.11 -26.91 27.53
C THR C 247 -4.27 -28.01 26.91
N THR C 248 -3.52 -28.71 27.72
CA THR C 248 -2.65 -29.69 27.15
C THR C 248 -3.48 -30.92 26.66
N LEU C 249 -4.56 -31.27 27.34
CA LEU C 249 -5.42 -32.41 26.92
C LEU C 249 -6.01 -32.26 25.50
N LEU C 250 -6.09 -31.01 25.05
CA LEU C 250 -7.06 -30.60 24.07
C LEU C 250 -6.47 -29.90 22.89
N ILE C 251 -5.33 -29.24 23.11
CA ILE C 251 -4.65 -28.44 22.13
C ILE C 251 -4.16 -29.24 20.94
N ARG C 252 -4.00 -30.55 21.11
CA ARG C 252 -3.50 -31.37 20.03
C ARG C 252 -4.60 -31.74 19.08
N ASN C 253 -4.25 -31.91 17.80
CA ASN C 253 -5.27 -32.24 16.80
C ASN C 253 -4.94 -33.50 16.02
N PRO C 254 -5.30 -34.66 16.58
CA PRO C 254 -5.10 -35.98 15.98
C PRO C 254 -5.79 -36.16 14.59
N SER C 255 -7.01 -35.65 14.50
CA SER C 255 -7.78 -35.70 13.28
C SER C 255 -6.93 -35.10 12.17
N ARG C 256 -6.39 -33.93 12.39
CA ARG C 256 -5.49 -33.30 11.41
C ARG C 256 -4.33 -34.22 10.89
N LYS C 257 -3.59 -34.82 11.83
CA LYS C 257 -2.48 -35.75 11.56
C LYS C 257 -2.98 -36.88 10.72
N ILE C 258 -4.14 -37.43 11.08
CA ILE C 258 -4.73 -38.43 10.20
C ILE C 258 -4.98 -37.86 8.79
N LEU C 259 -5.59 -36.70 8.69
CA LEU C 259 -5.93 -36.16 7.38
C LEU C 259 -4.69 -35.94 6.53
N GLU C 260 -3.58 -35.57 7.17
CA GLU C 260 -2.33 -35.28 6.47
C GLU C 260 -1.76 -36.58 5.94
N PHE C 261 -1.28 -37.45 6.83
CA PHE C 261 -0.94 -38.82 6.46
C PHE C 261 -1.79 -39.35 5.36
N LEU C 262 -3.10 -39.43 5.62
CA LEU C 262 -4.07 -39.89 4.64
C LEU C 262 -3.97 -39.20 3.25
N TYR C 263 -2.96 -38.34 3.08
CA TYR C 263 -2.51 -37.84 1.75
C TYR C 263 -1.01 -38.07 1.58
N GLU D 8 -34.67 -23.78 10.26
CA GLU D 8 -33.27 -24.38 10.25
C GLU D 8 -32.85 -24.99 8.90
N GLU D 9 -33.68 -24.75 7.86
CA GLU D 9 -33.49 -25.43 6.58
C GLU D 9 -33.57 -24.55 5.34
N PHE D 10 -32.72 -24.84 4.37
CA PHE D 10 -32.49 -23.89 3.29
C PHE D 10 -33.52 -23.82 2.21
N ARG D 11 -34.11 -22.63 2.05
CA ARG D 11 -34.99 -22.35 0.88
C ARG D 11 -34.34 -21.38 -0.10
N PRO D 12 -34.40 -21.69 -1.40
CA PRO D 12 -33.99 -20.74 -2.42
C PRO D 12 -34.61 -19.37 -2.18
N GLU D 13 -35.93 -19.33 -2.03
CA GLU D 13 -36.58 -18.08 -1.71
C GLU D 13 -35.86 -17.21 -0.65
N MET D 14 -34.99 -17.85 0.14
CA MET D 14 -34.25 -17.19 1.22
C MET D 14 -33.33 -16.13 0.68
N LEU D 15 -33.13 -16.14 -0.64
CA LEU D 15 -32.18 -15.25 -1.28
C LEU D 15 -32.75 -14.29 -2.27
N GLN D 16 -34.05 -14.44 -2.54
CA GLN D 16 -34.76 -13.56 -3.43
C GLN D 16 -34.61 -12.12 -3.00
N GLY D 17 -34.18 -11.29 -3.95
CA GLY D 17 -33.93 -9.86 -3.68
C GLY D 17 -32.88 -9.54 -2.61
N LYS D 18 -32.05 -10.52 -2.24
CA LYS D 18 -30.90 -10.25 -1.39
C LYS D 18 -29.79 -9.61 -2.22
N LYS D 19 -29.09 -8.66 -1.59
CA LYS D 19 -28.08 -7.86 -2.25
C LYS D 19 -26.78 -8.55 -1.99
N VAL D 20 -26.09 -9.02 -3.02
CA VAL D 20 -24.97 -9.92 -2.77
C VAL D 20 -23.77 -9.56 -3.59
N ILE D 21 -22.63 -9.31 -2.93
CA ILE D 21 -21.32 -9.23 -3.63
C ILE D 21 -20.63 -10.60 -3.66
N VAL D 22 -20.12 -10.99 -4.83
CA VAL D 22 -19.29 -12.18 -5.03
C VAL D 22 -17.95 -11.73 -5.64
N THR D 23 -16.84 -11.78 -4.90
CA THR D 23 -15.56 -11.48 -5.51
C THR D 23 -14.99 -12.67 -6.25
N GLY D 24 -13.98 -12.42 -7.07
CA GLY D 24 -13.43 -13.39 -7.98
C GLY D 24 -14.52 -14.14 -8.68
N ALA D 25 -15.39 -13.42 -9.42
CA ALA D 25 -16.61 -14.04 -10.00
C ALA D 25 -16.59 -14.27 -11.50
N SER D 26 -15.45 -14.02 -12.13
CA SER D 26 -15.31 -14.22 -13.55
C SER D 26 -15.05 -15.68 -13.98
N LYS D 27 -14.90 -16.62 -13.06
CA LYS D 27 -14.48 -17.95 -13.39
C LYS D 27 -14.76 -18.78 -12.13
N GLY D 28 -14.75 -20.11 -12.25
CA GLY D 28 -14.69 -20.99 -11.10
C GLY D 28 -15.90 -20.94 -10.21
N ILE D 29 -15.66 -21.11 -8.90
CA ILE D 29 -16.69 -21.19 -7.92
C ILE D 29 -17.46 -19.86 -7.92
N GLY D 30 -16.71 -18.75 -7.98
CA GLY D 30 -17.29 -17.43 -7.98
C GLY D 30 -18.25 -17.26 -9.15
N ARG D 31 -17.79 -17.65 -10.34
CA ARG D 31 -18.75 -17.67 -11.38
C ARG D 31 -19.95 -18.53 -11.01
N GLU D 32 -19.74 -19.73 -10.52
CA GLU D 32 -20.92 -20.51 -10.22
C GLU D 32 -21.81 -19.84 -9.16
N MET D 33 -21.24 -19.17 -8.14
CA MET D 33 -22.13 -18.58 -7.11
C MET D 33 -22.92 -17.40 -7.75
N ALA D 34 -22.27 -16.73 -8.68
CA ALA D 34 -22.91 -15.76 -9.47
C ALA D 34 -24.15 -16.45 -10.00
N TYR D 35 -23.94 -17.53 -10.73
CA TYR D 35 -25.04 -18.08 -11.49
C TYR D 35 -26.11 -18.60 -10.58
N HIS D 36 -25.73 -19.15 -9.45
CA HIS D 36 -26.72 -19.68 -8.54
C HIS D 36 -27.60 -18.60 -7.92
N LEU D 37 -26.97 -17.46 -7.67
CA LEU D 37 -27.66 -16.38 -7.04
C LEU D 37 -28.58 -15.74 -8.10
N ALA D 38 -28.09 -15.63 -9.32
CA ALA D 38 -28.94 -15.08 -10.36
C ALA D 38 -30.24 -15.88 -10.37
N LYS D 39 -30.18 -17.21 -10.57
CA LYS D 39 -31.38 -18.07 -10.62
C LYS D 39 -32.26 -17.92 -9.38
N MET D 40 -31.67 -17.64 -8.25
CA MET D 40 -32.48 -17.54 -7.05
C MET D 40 -33.12 -16.16 -6.99
N GLY D 41 -32.76 -15.33 -7.97
CA GLY D 41 -33.26 -13.95 -8.03
C GLY D 41 -32.66 -13.02 -6.99
N ALA D 42 -31.36 -13.19 -6.70
CA ALA D 42 -30.62 -12.23 -5.89
C ALA D 42 -30.33 -10.97 -6.72
N HIS D 43 -30.00 -9.88 -6.01
CA HIS D 43 -29.32 -8.77 -6.64
C HIS D 43 -27.86 -9.07 -6.49
N VAL D 44 -27.05 -8.98 -7.56
CA VAL D 44 -25.64 -9.38 -7.43
C VAL D 44 -24.83 -8.27 -7.97
N VAL D 45 -23.64 -8.03 -7.41
CA VAL D 45 -22.61 -7.25 -8.10
C VAL D 45 -21.37 -8.15 -8.08
N VAL D 46 -20.62 -8.27 -9.16
CA VAL D 46 -19.55 -9.24 -9.18
C VAL D 46 -18.26 -8.56 -9.55
N THR D 47 -17.12 -9.10 -9.17
CA THR D 47 -15.87 -8.40 -9.41
C THR D 47 -14.76 -9.34 -9.75
N ALA D 48 -13.78 -8.84 -10.47
CA ALA D 48 -12.59 -9.57 -10.80
C ALA D 48 -11.70 -8.63 -11.59
N ARG D 49 -10.65 -9.09 -12.22
CA ARG D 49 -9.87 -8.12 -13.00
C ARG D 49 -10.42 -7.94 -14.43
N SER D 50 -11.05 -8.97 -14.99
CA SER D 50 -11.31 -9.10 -16.43
C SER D 50 -12.54 -8.37 -16.91
N LYS D 51 -12.35 -7.30 -17.66
CA LYS D 51 -13.47 -6.45 -18.07
C LYS D 51 -14.38 -7.29 -18.98
N GLU D 52 -13.77 -8.00 -19.93
CA GLU D 52 -14.45 -8.85 -20.91
C GLU D 52 -15.18 -10.04 -20.32
N THR D 53 -14.56 -10.74 -19.38
CA THR D 53 -15.21 -11.96 -18.84
C THR D 53 -16.34 -11.63 -17.88
N LEU D 54 -16.15 -10.63 -17.04
CA LEU D 54 -17.19 -10.19 -16.17
C LEU D 54 -18.47 -9.77 -16.93
N GLN D 55 -18.31 -9.17 -18.11
CA GLN D 55 -19.47 -8.85 -18.97
C GLN D 55 -20.29 -10.11 -19.29
N LYS D 56 -19.64 -11.09 -19.94
CA LYS D 56 -20.21 -12.43 -20.21
C LYS D 56 -21.00 -12.98 -18.99
N VAL D 57 -20.42 -12.82 -17.79
CA VAL D 57 -21.04 -13.30 -16.56
C VAL D 57 -22.29 -12.58 -16.17
N VAL D 58 -22.29 -11.27 -16.24
CA VAL D 58 -23.47 -10.53 -15.88
C VAL D 58 -24.61 -10.66 -16.89
N SER D 59 -24.24 -10.93 -18.16
CA SER D 59 -25.23 -11.11 -19.22
C SER D 59 -25.98 -12.39 -18.95
N HIS D 60 -25.23 -13.45 -18.74
CA HIS D 60 -25.82 -14.68 -18.33
C HIS D 60 -26.51 -14.56 -16.95
N CYS D 61 -26.11 -13.62 -16.09
CA CYS D 61 -26.84 -13.56 -14.81
C CYS D 61 -28.22 -13.00 -15.09
N LEU D 62 -28.25 -12.08 -16.06
CA LEU D 62 -29.52 -11.47 -16.49
C LEU D 62 -30.36 -12.55 -17.15
N GLU D 63 -29.71 -13.25 -18.10
CA GLU D 63 -30.48 -14.29 -18.77
C GLU D 63 -31.08 -15.33 -17.85
N LEU D 64 -30.57 -15.43 -16.63
CA LEU D 64 -31.03 -16.38 -15.65
C LEU D 64 -32.13 -15.90 -14.70
N GLY D 65 -32.36 -14.59 -14.57
CA GLY D 65 -33.39 -14.10 -13.64
C GLY D 65 -32.88 -13.37 -12.42
N ALA D 66 -31.60 -13.01 -12.43
CA ALA D 66 -31.08 -12.08 -11.42
C ALA D 66 -32.04 -10.90 -11.19
N ALA D 67 -32.38 -10.58 -9.93
CA ALA D 67 -33.07 -9.29 -9.66
C ALA D 67 -32.37 -8.08 -10.32
N SER D 68 -31.05 -8.21 -10.52
CA SER D 68 -30.16 -7.06 -10.76
C SER D 68 -28.75 -7.64 -10.88
N ALA D 69 -28.00 -7.23 -11.89
CA ALA D 69 -26.62 -7.69 -11.97
C ALA D 69 -25.64 -6.64 -12.52
N HIS D 70 -24.43 -6.60 -11.97
CA HIS D 70 -23.50 -5.58 -12.29
C HIS D 70 -22.07 -6.09 -12.04
N TYR D 71 -21.12 -5.66 -12.87
CA TYR D 71 -19.71 -5.98 -12.71
C TYR D 71 -18.97 -4.70 -12.40
N ILE D 72 -17.75 -4.82 -11.86
CA ILE D 72 -16.79 -3.74 -11.68
C ILE D 72 -15.44 -4.40 -11.65
N ALA D 73 -14.57 -3.94 -12.55
CA ALA D 73 -13.27 -4.56 -12.66
C ALA D 73 -12.24 -3.86 -11.79
N GLY D 74 -11.20 -4.60 -11.37
CA GLY D 74 -10.20 -4.15 -10.38
C GLY D 74 -9.28 -5.31 -9.89
N THR D 75 -8.09 -4.97 -9.39
CA THR D 75 -7.26 -5.90 -8.73
C THR D 75 -7.45 -5.62 -7.27
N MET D 76 -7.67 -6.70 -6.55
CA MET D 76 -7.83 -6.73 -5.14
C MET D 76 -6.46 -6.62 -4.47
N GLU D 77 -5.43 -6.55 -5.31
CA GLU D 77 -4.12 -6.28 -4.79
C GLU D 77 -3.90 -4.79 -4.51
N ASP D 78 -4.88 -3.99 -4.90
CA ASP D 78 -4.92 -2.56 -4.68
C ASP D 78 -6.03 -2.26 -3.70
N MET D 79 -5.63 -1.87 -2.48
CA MET D 79 -6.55 -1.72 -1.36
C MET D 79 -7.51 -0.53 -1.45
N THR D 80 -7.25 0.44 -2.32
CA THR D 80 -8.23 1.48 -2.49
C THR D 80 -9.31 0.88 -3.33
N PHE D 81 -8.93 0.20 -4.42
CA PHE D 81 -9.92 -0.51 -5.25
C PHE D 81 -10.93 -1.32 -4.40
N ALA D 82 -10.38 -2.20 -3.57
CA ALA D 82 -11.19 -3.03 -2.69
C ALA D 82 -12.13 -2.16 -1.90
N GLU D 83 -11.63 -1.07 -1.37
CA GLU D 83 -12.41 -0.23 -0.47
C GLU D 83 -13.43 0.61 -1.23
N GLN D 84 -13.04 1.09 -2.42
CA GLN D 84 -13.97 1.79 -3.29
C GLN D 84 -15.07 0.86 -3.84
N PHE D 85 -14.69 -0.33 -4.30
CA PHE D 85 -15.61 -1.31 -4.85
C PHE D 85 -16.83 -1.45 -4.00
N VAL D 86 -16.63 -1.86 -2.75
CA VAL D 86 -17.74 -2.16 -1.83
C VAL D 86 -18.73 -1.04 -1.85
N ALA D 87 -18.23 0.20 -1.69
CA ALA D 87 -19.09 1.40 -1.72
C ALA D 87 -19.90 1.43 -2.99
N GLN D 88 -19.27 1.16 -4.12
CA GLN D 88 -19.94 1.24 -5.40
C GLN D 88 -21.07 0.22 -5.49
N ALA D 89 -20.71 -1.03 -5.13
CA ALA D 89 -21.58 -2.17 -5.21
C ALA D 89 -22.76 -1.87 -4.32
N GLY D 90 -22.48 -1.24 -3.17
CA GLY D 90 -23.52 -0.79 -2.26
C GLY D 90 -24.54 0.09 -2.97
N LYS D 91 -24.05 1.10 -3.71
CA LYS D 91 -24.91 2.06 -4.40
C LYS D 91 -25.71 1.37 -5.47
N LEU D 92 -25.09 0.39 -6.14
CA LEU D 92 -25.75 -0.25 -7.24
C LEU D 92 -26.94 -1.03 -6.76
N MET D 93 -26.96 -1.39 -5.49
CA MET D 93 -28.07 -2.14 -5.01
C MET D 93 -28.76 -1.46 -3.86
N GLY D 94 -28.17 -0.41 -3.30
CA GLY D 94 -28.88 0.33 -2.25
C GLY D 94 -28.86 -0.48 -0.98
N GLY D 95 -27.74 -1.16 -0.74
CA GLY D 95 -27.54 -1.91 0.52
C GLY D 95 -26.65 -3.14 0.31
N LEU D 96 -26.44 -3.93 1.37
CA LEU D 96 -25.73 -5.18 1.17
C LEU D 96 -26.17 -6.17 2.22
N ASP D 97 -26.37 -7.43 1.82
CA ASP D 97 -26.90 -8.48 2.71
C ASP D 97 -25.88 -9.55 2.93
N MET D 98 -25.13 -9.84 1.88
CA MET D 98 -24.18 -10.88 1.91
C MET D 98 -22.89 -10.45 1.18
N LEU D 99 -21.74 -10.70 1.81
CA LEU D 99 -20.47 -10.38 1.28
C LEU D 99 -19.68 -11.68 1.15
N ILE D 100 -19.57 -12.21 -0.08
CA ILE D 100 -18.89 -13.47 -0.33
C ILE D 100 -17.54 -13.19 -0.91
N LEU D 101 -16.50 -13.58 -0.18
CA LEU D 101 -15.15 -13.24 -0.51
C LEU D 101 -14.56 -14.52 -1.03
N ASN D 102 -13.99 -14.48 -2.21
CA ASN D 102 -13.64 -15.73 -2.83
C ASN D 102 -12.36 -15.73 -3.71
N HIS D 103 -11.97 -14.52 -4.12
CA HIS D 103 -10.86 -14.26 -5.04
C HIS D 103 -9.51 -14.59 -4.45
N ILE D 104 -8.58 -15.11 -5.26
CA ILE D 104 -7.22 -15.40 -4.80
C ILE D 104 -6.26 -15.11 -5.93
N THR D 105 -5.03 -14.79 -5.56
CA THR D 105 -3.98 -14.54 -6.48
C THR D 105 -3.61 -15.84 -7.10
N ASN D 106 -3.37 -15.82 -8.41
CA ASN D 106 -3.03 -17.02 -9.13
C ASN D 106 -1.90 -17.66 -8.41
N THR D 107 -2.12 -18.87 -7.98
CA THR D 107 -1.05 -19.60 -7.36
C THR D 107 -0.85 -20.84 -8.17
N SER D 108 0.34 -21.37 -8.06
CA SER D 108 0.60 -22.67 -8.63
C SER D 108 1.26 -23.54 -7.57
N LEU D 109 1.22 -24.86 -7.80
CA LEU D 109 1.90 -25.85 -6.97
C LEU D 109 3.41 -25.98 -7.32
N ASN D 110 4.26 -25.81 -6.32
CA ASN D 110 5.70 -25.80 -6.44
C ASN D 110 6.24 -25.87 -5.03
N LEU D 111 7.35 -26.59 -4.84
CA LEU D 111 8.09 -26.49 -3.61
C LEU D 111 8.27 -25.02 -3.34
N PHE D 112 8.50 -24.67 -2.08
CA PHE D 112 8.93 -23.33 -1.81
C PHE D 112 10.47 -23.23 -1.72
N HIS D 113 11.02 -22.33 -2.52
CA HIS D 113 12.43 -22.01 -2.49
C HIS D 113 12.71 -20.63 -1.90
N ASP D 114 12.45 -19.57 -2.66
CA ASP D 114 12.74 -18.24 -2.12
C ASP D 114 11.87 -17.13 -2.71
N ASP D 115 10.65 -17.48 -3.06
CA ASP D 115 9.75 -16.55 -3.69
C ASP D 115 9.00 -15.71 -2.63
N ILE D 116 9.72 -14.76 -1.99
CA ILE D 116 9.08 -13.88 -1.05
C ILE D 116 8.05 -13.00 -1.77
N HIS D 117 8.28 -12.70 -3.05
CA HIS D 117 7.27 -11.99 -3.79
C HIS D 117 5.97 -12.78 -3.76
N HIS D 118 6.03 -14.10 -4.01
CA HIS D 118 4.82 -14.93 -3.95
C HIS D 118 4.21 -14.96 -2.55
N VAL D 119 5.05 -14.98 -1.53
CA VAL D 119 4.49 -15.04 -0.18
C VAL D 119 3.71 -13.76 0.17
N ARG D 120 4.30 -12.60 -0.13
CA ARG D 120 3.69 -11.31 0.19
C ARG D 120 2.37 -11.12 -0.59
N LYS D 121 2.39 -11.51 -1.86
CA LYS D 121 1.36 -11.21 -2.81
C LYS D 121 0.19 -12.03 -2.34
N SER D 122 0.48 -13.31 -2.10
CA SER D 122 -0.52 -14.20 -1.53
C SER D 122 -1.17 -13.60 -0.31
N MET D 123 -0.39 -13.03 0.60
CA MET D 123 -0.99 -12.63 1.86
C MET D 123 -1.79 -11.37 1.66
N GLU D 124 -1.32 -10.50 0.78
CA GLU D 124 -2.03 -9.31 0.36
C GLU D 124 -3.44 -9.61 -0.28
N VAL D 125 -3.47 -10.35 -1.38
CA VAL D 125 -4.69 -10.65 -2.12
C VAL D 125 -5.60 -11.68 -1.46
N ASN D 126 -5.02 -12.70 -0.84
CA ASN D 126 -5.85 -13.77 -0.26
C ASN D 126 -6.31 -13.44 1.15
N PHE D 127 -5.60 -12.56 1.85
CA PHE D 127 -5.97 -12.27 3.19
C PHE D 127 -6.31 -10.80 3.46
N LEU D 128 -5.39 -9.91 3.15
CA LEU D 128 -5.60 -8.50 3.55
C LEU D 128 -6.73 -7.83 2.79
N SER D 129 -6.74 -7.95 1.49
CA SER D 129 -7.93 -7.48 0.77
C SER D 129 -9.22 -7.97 1.45
N TYR D 130 -9.30 -9.24 1.93
CA TYR D 130 -10.56 -9.74 2.55
C TYR D 130 -10.85 -8.89 3.83
N VAL D 131 -9.83 -8.54 4.59
CA VAL D 131 -10.11 -7.71 5.75
C VAL D 131 -10.66 -6.34 5.34
N VAL D 132 -9.93 -5.69 4.41
CA VAL D 132 -10.32 -4.41 3.80
C VAL D 132 -11.78 -4.46 3.37
N LEU D 133 -12.14 -5.45 2.56
CA LEU D 133 -13.52 -5.54 2.10
C LEU D 133 -14.44 -5.59 3.35
N THR D 134 -14.12 -6.46 4.29
CA THR D 134 -14.94 -6.58 5.46
C THR D 134 -15.05 -5.21 6.12
N VAL D 135 -13.93 -4.49 6.26
CA VAL D 135 -14.00 -3.26 6.99
C VAL D 135 -14.98 -2.34 6.29
N ALA D 136 -14.86 -2.25 4.98
CA ALA D 136 -15.75 -1.43 4.21
C ALA D 136 -17.22 -1.87 4.23
N ALA D 137 -17.48 -3.15 4.47
CA ALA D 137 -18.78 -3.66 4.21
C ALA D 137 -19.61 -3.82 5.47
N LEU D 138 -18.94 -3.88 6.61
CA LEU D 138 -19.58 -4.04 7.93
C LEU D 138 -20.76 -3.10 8.16
N PRO D 139 -20.59 -1.74 7.97
CA PRO D 139 -21.75 -0.87 8.29
C PRO D 139 -23.04 -1.29 7.59
N MET D 140 -23.03 -1.35 6.27
CA MET D 140 -24.19 -1.84 5.51
C MET D 140 -24.76 -3.14 6.02
N LEU D 141 -23.89 -4.00 6.54
CA LEU D 141 -24.31 -5.34 6.90
C LEU D 141 -24.84 -5.24 8.30
N LYS D 142 -24.25 -4.34 9.08
CA LYS D 142 -24.72 -4.05 10.42
C LYS D 142 -26.17 -3.60 10.25
N GLN D 143 -26.42 -2.77 9.25
CA GLN D 143 -27.77 -2.35 8.94
C GLN D 143 -28.68 -3.49 8.56
N SER D 144 -28.18 -4.52 7.87
CA SER D 144 -29.04 -5.56 7.28
C SER D 144 -28.99 -6.93 7.98
N ASN D 145 -28.26 -6.96 9.10
CA ASN D 145 -27.91 -8.22 9.79
C ASN D 145 -27.63 -9.35 8.82
N GLY D 146 -26.65 -9.08 7.97
CA GLY D 146 -26.31 -9.99 6.92
C GLY D 146 -25.20 -10.94 7.25
N SER D 147 -24.41 -11.23 6.23
CA SER D 147 -23.55 -12.35 6.28
C SER D 147 -22.28 -12.07 5.58
N ILE D 148 -21.21 -12.54 6.20
CA ILE D 148 -19.91 -12.69 5.58
C ILE D 148 -19.52 -14.11 5.33
N VAL D 149 -19.28 -14.42 4.06
CA VAL D 149 -18.82 -15.74 3.64
C VAL D 149 -17.36 -15.59 3.15
N VAL D 150 -16.44 -16.37 3.73
CA VAL D 150 -15.02 -16.41 3.38
C VAL D 150 -14.75 -17.75 2.79
N VAL D 151 -14.17 -17.80 1.56
CA VAL D 151 -13.99 -19.11 0.96
C VAL D 151 -12.60 -19.65 1.25
N SER D 152 -12.48 -20.74 2.02
CA SER D 152 -11.14 -21.26 2.30
C SER D 152 -10.85 -22.66 1.72
N SER D 153 -9.86 -23.40 2.21
CA SER D 153 -9.58 -24.74 1.66
C SER D 153 -9.10 -25.63 2.76
N LEU D 154 -9.06 -26.95 2.49
CA LEU D 154 -8.39 -27.95 3.35
C LEU D 154 -6.98 -27.57 3.72
N ALA D 155 -6.25 -27.05 2.72
CA ALA D 155 -4.95 -26.40 2.94
C ALA D 155 -5.00 -25.27 3.98
N GLY D 156 -6.18 -24.74 4.24
CA GLY D 156 -6.31 -23.74 5.26
C GLY D 156 -6.64 -24.32 6.61
N LYS D 157 -6.83 -25.63 6.64
CA LYS D 157 -7.07 -26.32 7.89
C LYS D 157 -6.01 -27.36 8.19
N VAL D 158 -5.38 -27.92 7.17
CA VAL D 158 -4.32 -28.88 7.34
C VAL D 158 -3.19 -28.51 6.35
N ALA D 159 -2.01 -29.07 6.59
CA ALA D 159 -0.82 -28.67 5.89
C ALA D 159 -0.66 -29.56 4.66
N TYR D 160 -0.19 -29.00 3.55
CA TYR D 160 0.12 -29.74 2.34
C TYR D 160 1.41 -29.25 1.77
N PRO D 161 2.17 -30.13 1.17
CA PRO D 161 3.30 -29.57 0.49
C PRO D 161 2.83 -28.86 -0.79
N MET D 162 3.70 -28.02 -1.38
CA MET D 162 3.51 -27.39 -2.67
C MET D 162 2.64 -26.18 -2.66
N VAL D 163 2.04 -25.88 -1.51
CA VAL D 163 1.21 -24.69 -1.39
C VAL D 163 1.57 -23.81 -0.21
N ALA D 164 2.76 -23.86 0.30
CA ALA D 164 2.99 -23.11 1.54
C ALA D 164 2.34 -21.69 1.55
N ALA D 165 2.71 -20.78 0.65
CA ALA D 165 2.13 -19.41 0.73
C ALA D 165 0.62 -19.49 0.88
N TYR D 166 0.03 -20.16 -0.10
CA TYR D 166 -1.37 -20.28 -0.16
C TYR D 166 -1.89 -20.78 1.19
N SER D 167 -1.32 -21.87 1.72
CA SER D 167 -1.79 -22.29 3.02
C SER D 167 -1.72 -21.16 4.02
N ALA D 168 -0.60 -20.43 4.08
CA ALA D 168 -0.46 -19.43 5.15
C ALA D 168 -1.64 -18.46 5.13
N SER D 169 -1.95 -17.96 3.94
CA SER D 169 -3.05 -17.02 3.77
C SER D 169 -4.40 -17.65 4.17
N LYS D 170 -4.64 -18.88 3.76
CA LYS D 170 -5.88 -19.52 4.21
C LYS D 170 -5.93 -19.67 5.74
N PHE D 171 -4.84 -20.10 6.37
CA PHE D 171 -4.78 -20.21 7.81
C PHE D 171 -5.00 -18.83 8.38
N ALA D 172 -4.58 -17.79 7.66
CA ALA D 172 -4.74 -16.43 8.17
C ALA D 172 -6.21 -16.12 8.37
N LEU D 173 -7.01 -16.42 7.36
CA LEU D 173 -8.45 -16.10 7.37
C LEU D 173 -9.13 -16.81 8.53
N ASP D 174 -8.79 -18.08 8.73
CA ASP D 174 -9.31 -18.76 9.86
C ASP D 174 -9.00 -17.97 11.15
N GLY D 175 -7.73 -17.76 11.39
CA GLY D 175 -7.36 -17.09 12.60
C GLY D 175 -7.99 -15.72 12.73
N PHE D 176 -8.03 -14.96 11.65
CA PHE D 176 -8.48 -13.60 11.78
C PHE D 176 -10.02 -13.57 11.86
N PHE D 177 -10.69 -14.22 10.93
CA PHE D 177 -12.15 -14.29 10.93
C PHE D 177 -12.80 -14.97 12.13
N SER D 178 -12.30 -16.12 12.56
CA SER D 178 -12.79 -16.70 13.83
C SER D 178 -12.65 -15.82 15.05
N SER D 179 -11.59 -15.05 15.11
CA SER D 179 -11.39 -14.17 16.24
C SER D 179 -12.45 -13.03 16.31
N ILE D 180 -12.58 -12.28 15.22
CA ILE D 180 -13.68 -11.39 14.94
C ILE D 180 -15.08 -11.98 15.23
N ARG D 181 -15.33 -13.24 14.86
CA ARG D 181 -16.68 -13.83 15.07
C ARG D 181 -16.97 -13.91 16.57
N LYS D 182 -15.93 -14.24 17.31
CA LYS D 182 -16.02 -14.17 18.74
C LYS D 182 -16.34 -12.71 19.19
N GLU D 183 -15.71 -11.71 18.57
CA GLU D 183 -15.76 -10.34 19.06
C GLU D 183 -17.09 -9.76 18.72
N TYR D 184 -17.61 -10.12 17.54
CA TYR D 184 -18.99 -9.75 17.14
C TYR D 184 -20.08 -10.18 18.15
N SER D 185 -19.85 -11.31 18.78
CA SER D 185 -20.78 -11.90 19.68
C SER D 185 -20.80 -11.11 21.00
N VAL D 186 -19.65 -11.00 21.64
CA VAL D 186 -19.48 -10.20 22.83
C VAL D 186 -20.04 -8.79 22.67
N SER D 187 -19.92 -8.16 21.50
CA SER D 187 -20.31 -6.74 21.34
C SER D 187 -21.55 -6.61 20.52
N ARG D 188 -22.32 -7.68 20.49
CA ARG D 188 -23.59 -7.69 19.78
C ARG D 188 -23.57 -7.08 18.36
N VAL D 189 -22.65 -7.56 17.53
CA VAL D 189 -22.67 -7.28 16.10
C VAL D 189 -23.25 -8.51 15.40
N ASN D 190 -24.41 -8.31 14.75
CA ASN D 190 -25.15 -9.42 14.10
C ASN D 190 -24.83 -9.67 12.66
N VAL D 191 -23.58 -10.07 12.43
CA VAL D 191 -23.11 -10.46 11.15
C VAL D 191 -22.56 -11.87 11.25
N SER D 192 -23.21 -12.80 10.56
CA SER D 192 -22.70 -14.14 10.44
C SER D 192 -21.38 -14.14 9.65
N ILE D 193 -20.46 -15.01 10.04
CA ILE D 193 -19.19 -15.20 9.35
C ILE D 193 -19.08 -16.71 9.05
N THR D 194 -19.04 -17.08 7.77
CA THR D 194 -19.05 -18.52 7.37
C THR D 194 -17.71 -18.85 6.77
N LEU D 195 -16.95 -19.73 7.40
CA LEU D 195 -15.68 -20.07 6.84
C LEU D 195 -15.94 -21.35 6.00
N CYS D 196 -15.81 -21.29 4.67
CA CYS D 196 -15.94 -22.54 3.90
C CYS D 196 -14.61 -23.25 3.66
N VAL D 197 -14.58 -24.54 4.02
CA VAL D 197 -13.38 -25.34 3.84
C VAL D 197 -13.59 -26.27 2.65
N LEU D 198 -12.93 -26.01 1.53
CA LEU D 198 -13.16 -26.82 0.34
C LEU D 198 -12.01 -27.74 0.01
N GLY D 199 -12.34 -28.91 -0.51
CA GLY D 199 -11.32 -29.75 -1.15
C GLY D 199 -11.25 -29.45 -2.64
N LEU D 200 -10.75 -30.41 -3.38
CA LEU D 200 -10.45 -30.19 -4.75
C LEU D 200 -11.78 -30.09 -5.50
N ILE D 201 -11.98 -28.98 -6.23
CA ILE D 201 -13.20 -28.68 -7.00
C ILE D 201 -12.80 -28.56 -8.48
N ASP D 202 -13.70 -28.81 -9.41
CA ASP D 202 -13.24 -28.99 -10.79
C ASP D 202 -13.14 -27.71 -11.62
N THR D 203 -12.66 -26.61 -11.02
CA THR D 203 -12.45 -25.40 -11.77
C THR D 203 -11.23 -25.59 -12.63
N GLU D 204 -11.25 -24.88 -13.76
CA GLU D 204 -10.18 -24.90 -14.74
C GLU D 204 -8.86 -24.55 -14.10
N THR D 205 -8.81 -23.61 -13.19
CA THR D 205 -7.51 -23.26 -12.64
C THR D 205 -6.98 -24.45 -11.84
N ALA D 206 -7.87 -25.16 -11.16
CA ALA D 206 -7.42 -26.25 -10.27
C ALA D 206 -7.16 -27.52 -11.07
N MET D 207 -7.99 -27.79 -12.05
CA MET D 207 -7.78 -28.88 -12.94
C MET D 207 -6.57 -28.65 -13.84
N LYS D 208 -5.98 -27.47 -13.75
CA LYS D 208 -4.77 -27.26 -14.50
C LYS D 208 -3.59 -27.30 -13.53
N ALA D 209 -3.64 -26.47 -12.47
CA ALA D 209 -2.62 -26.48 -11.43
C ALA D 209 -2.33 -27.89 -10.86
N VAL D 210 -3.38 -28.63 -10.50
CA VAL D 210 -3.26 -30.08 -10.21
C VAL D 210 -3.10 -30.87 -11.54
N SER D 211 -3.08 -32.20 -11.53
CA SER D 211 -3.00 -33.01 -12.79
C SER D 211 -1.55 -33.17 -13.31
N GLY D 212 -0.83 -34.13 -12.71
CA GLY D 212 0.65 -34.26 -12.83
C GLY D 212 1.35 -34.33 -11.45
N ILE D 213 0.91 -33.48 -10.53
CA ILE D 213 1.29 -33.50 -9.09
C ILE D 213 0.06 -33.97 -8.27
N VAL D 214 0.17 -34.00 -6.93
CA VAL D 214 -0.92 -34.47 -6.03
C VAL D 214 -2.25 -34.73 -6.81
N HIS D 215 -2.33 -35.95 -7.40
CA HIS D 215 -3.53 -36.48 -8.05
C HIS D 215 -4.65 -36.53 -6.98
N MET D 216 -5.91 -36.53 -7.44
CA MET D 216 -7.10 -36.53 -6.56
C MET D 216 -8.36 -36.40 -7.42
N GLN D 217 -9.52 -36.80 -6.87
CA GLN D 217 -10.80 -36.65 -7.57
C GLN D 217 -11.42 -35.28 -7.27
N ALA D 218 -11.67 -34.48 -8.31
CA ALA D 218 -12.23 -33.16 -8.06
C ALA D 218 -13.71 -33.29 -7.83
N ALA D 219 -14.29 -32.44 -6.97
CA ALA D 219 -15.75 -32.30 -6.84
C ALA D 219 -16.31 -31.18 -7.76
N PRO D 220 -17.62 -31.23 -8.08
CA PRO D 220 -18.09 -30.34 -9.12
C PRO D 220 -18.37 -28.91 -8.63
N LYS D 221 -17.96 -27.91 -9.39
CA LYS D 221 -18.12 -26.53 -8.93
C LYS D 221 -19.58 -26.13 -8.71
N GLU D 222 -20.45 -26.60 -9.61
CA GLU D 222 -21.85 -26.15 -9.61
C GLU D 222 -22.40 -26.35 -8.23
N GLU D 223 -22.18 -27.54 -7.69
CA GLU D 223 -22.70 -27.88 -6.40
C GLU D 223 -21.87 -27.25 -5.27
N CYS D 224 -20.54 -27.22 -5.42
CA CYS D 224 -19.72 -26.46 -4.47
C CYS D 224 -20.37 -25.09 -4.16
N ALA D 225 -20.62 -24.32 -5.22
CA ALA D 225 -21.18 -22.98 -5.10
C ALA D 225 -22.52 -22.93 -4.32
N LEU D 226 -23.36 -23.96 -4.51
CA LEU D 226 -24.62 -24.09 -3.77
C LEU D 226 -24.39 -24.27 -2.27
N GLU D 227 -23.55 -25.25 -1.93
CA GLU D 227 -23.16 -25.46 -0.55
C GLU D 227 -22.65 -24.16 0.11
N ILE D 228 -21.83 -23.38 -0.60
CA ILE D 228 -21.36 -22.11 -0.02
C ILE D 228 -22.51 -21.09 0.25
N ILE D 229 -23.38 -20.93 -0.74
CA ILE D 229 -24.55 -20.09 -0.60
C ILE D 229 -25.42 -20.56 0.59
N LYS D 230 -25.61 -21.86 0.75
CA LYS D 230 -26.54 -22.26 1.78
C LYS D 230 -25.93 -21.95 3.13
N GLY D 231 -24.69 -22.38 3.35
CA GLY D 231 -24.01 -22.14 4.64
C GLY D 231 -24.06 -20.69 5.06
N GLY D 232 -23.82 -19.81 4.09
CA GLY D 232 -24.01 -18.35 4.23
C GLY D 232 -25.44 -18.04 4.62
N ALA D 233 -26.38 -18.34 3.73
CA ALA D 233 -27.83 -18.11 3.98
C ALA D 233 -28.37 -18.68 5.27
N LEU D 234 -27.71 -19.71 5.79
CA LEU D 234 -28.21 -20.31 6.97
C LEU D 234 -27.42 -19.88 8.11
N ARG D 235 -26.52 -18.92 7.89
CA ARG D 235 -25.66 -18.38 8.97
C ARG D 235 -24.77 -19.39 9.70
N GLN D 236 -24.48 -20.53 9.07
CA GLN D 236 -23.53 -21.47 9.62
C GLN D 236 -22.16 -20.86 9.82
N GLU D 237 -21.53 -21.25 10.91
CA GLU D 237 -20.20 -20.76 11.21
C GLU D 237 -19.11 -21.37 10.28
N GLU D 238 -19.33 -22.61 9.81
CA GLU D 238 -18.44 -23.28 8.84
C GLU D 238 -19.21 -24.19 7.96
N VAL D 239 -18.64 -24.49 6.80
CA VAL D 239 -19.21 -25.34 5.80
C VAL D 239 -18.02 -26.11 5.30
N TYR D 240 -18.22 -27.38 4.93
CA TYR D 240 -17.14 -28.32 4.57
C TYR D 240 -17.54 -29.01 3.29
N TYR D 241 -16.68 -29.01 2.29
CA TYR D 241 -17.14 -29.56 1.04
C TYR D 241 -16.06 -30.18 0.21
N ASP D 242 -16.32 -31.42 -0.20
CA ASP D 242 -15.30 -32.33 -0.68
C ASP D 242 -15.86 -33.66 -1.09
N SER D 243 -15.19 -34.32 -2.03
CA SER D 243 -15.58 -35.63 -2.59
C SER D 243 -15.58 -36.71 -1.51
N SER D 244 -14.41 -36.86 -0.90
CA SER D 244 -14.10 -37.89 0.04
C SER D 244 -14.99 -37.61 1.19
N LEU D 245 -15.83 -38.57 1.55
CA LEU D 245 -16.76 -38.32 2.69
C LEU D 245 -16.16 -38.69 4.06
N TRP D 246 -14.81 -38.70 4.04
CA TRP D 246 -13.90 -39.10 5.10
C TRP D 246 -13.16 -37.85 5.55
N THR D 247 -12.89 -36.98 4.58
CA THR D 247 -12.39 -35.67 4.87
C THR D 247 -13.45 -34.99 5.70
N THR D 248 -14.66 -34.98 5.19
CA THR D 248 -15.78 -34.44 5.98
C THR D 248 -15.81 -35.00 7.42
N LEU D 249 -15.40 -36.26 7.61
CA LEU D 249 -15.39 -36.86 8.95
C LEU D 249 -14.29 -36.34 9.85
N LEU D 250 -13.12 -36.10 9.27
CA LEU D 250 -11.96 -35.80 10.06
C LEU D 250 -11.69 -34.30 10.13
N ILE D 251 -12.05 -33.57 9.09
CA ILE D 251 -11.80 -32.16 9.05
C ILE D 251 -12.30 -31.43 10.27
N ARG D 252 -13.41 -31.89 10.84
CA ARG D 252 -14.01 -31.16 11.95
C ARG D 252 -13.20 -31.34 13.25
N ASN D 253 -13.23 -30.33 14.12
CA ASN D 253 -12.32 -30.32 15.28
C ASN D 253 -12.95 -29.79 16.51
N PRO D 254 -13.62 -30.65 17.27
CA PRO D 254 -14.32 -30.30 18.51
C PRO D 254 -13.40 -29.90 19.65
N SER D 255 -12.22 -30.50 19.76
CA SER D 255 -11.25 -30.08 20.77
C SER D 255 -11.15 -28.56 20.61
N ARG D 256 -11.11 -28.11 19.35
CA ARG D 256 -11.07 -26.72 19.13
C ARG D 256 -12.34 -26.05 19.69
N LYS D 257 -13.56 -26.55 19.41
CA LYS D 257 -14.75 -25.78 19.87
C LYS D 257 -14.78 -25.81 21.44
N ILE D 258 -14.33 -26.93 22.00
CA ILE D 258 -14.25 -27.07 23.46
C ILE D 258 -13.33 -26.05 24.20
N LEU D 259 -12.12 -25.96 23.72
CA LEU D 259 -11.11 -25.09 24.25
C LEU D 259 -11.54 -23.62 24.13
N GLU D 260 -12.01 -23.20 22.94
CA GLU D 260 -12.51 -21.84 22.79
C GLU D 260 -13.59 -21.55 23.82
N PHE D 261 -14.49 -22.49 23.98
CA PHE D 261 -15.52 -22.38 24.98
C PHE D 261 -14.86 -22.26 26.34
N LEU D 262 -13.98 -23.20 26.69
CA LEU D 262 -13.44 -23.21 28.04
C LEU D 262 -12.63 -21.98 28.25
N TYR D 263 -12.12 -21.37 27.19
CA TYR D 263 -11.39 -20.14 27.38
C TYR D 263 -12.36 -18.96 27.38
N SER D 264 -13.61 -19.20 26.95
CA SER D 264 -14.62 -18.14 26.91
C SER D 264 -14.84 -17.52 28.29
N THR D 265 -14.81 -18.37 29.32
CA THR D 265 -15.02 -17.91 30.69
C THR D 265 -13.73 -17.44 31.40
N SER D 266 -13.26 -16.26 30.97
CA SER D 266 -12.05 -15.60 31.49
C SER D 266 -11.69 -14.25 30.82
N TYR D 267 -12.67 -13.35 30.65
CA TYR D 267 -12.44 -11.96 30.24
C TYR D 267 -13.69 -11.09 30.43
N ASN D 268 -13.61 -9.76 30.23
CA ASN D 268 -14.84 -8.93 30.01
C ASN D 268 -15.16 -8.70 28.51
#